data_9DYT
#
_entry.id   9DYT
#
_cell.length_a   69.821
_cell.length_b   121.696
_cell.length_c   72.690
_cell.angle_alpha   90.000
_cell.angle_beta   118.589
_cell.angle_gamma   90.000
#
_symmetry.space_group_name_H-M   'P 1 21 1'
#
loop_
_entity.id
_entity.type
_entity.pdbx_description
1 polymer R699
2 non-polymer 'MANGANESE (II) ION'
3 water water
#
_entity_poly.entity_id   1
_entity_poly.type   'polypeptide(L)'
_entity_poly.pdbx_seq_one_letter_code
;GPGSEQSNNDDNLLVLGIGISVHKTDGVLRFEKYCQAHNLQYMIVGEGKKWNGGNLESEAGGGQKINELLIALESIKDNK
LIVVCDTYDLIPLSGPEEILRKYRFLTPDNKVVFSSELYCWPDASLVERYPKVDTKYKYLNSGAFMGYRDDIYEMIKNGV
KDRDDDQLFFSIKFIETDKIVLDYKCELFQAMYRCNSDLVVHKNRIFNGYTNSYPVFAHGNGPAKKLLNHMEGYFMTEPI
DGSSNTINTFKLDNEPKVFFALYVDSNDLSALKQFLGKVASIQYGNKVIYLYDRSDNEQNRKLIQISYPNYHTGVTKYVF
DDFKKSDAQFYFLLEQNCIITKKDILHELIMQVKDNHRVISPMIGYEQNSTRTNFWGDIEDGYYKRSENYLDLAKHKVRG
LWNVPYVYGVILMHESVVRNWDLSMVKYNDKDMDLCFSLRKHTIFMYMINNNNYGYMV
;
_entity_poly.pdbx_strand_id   A,B
#
loop_
_chem_comp.id
_chem_comp.type
_chem_comp.name
_chem_comp.formula
MN non-polymer 'MANGANESE (II) ION' 'Mn 2'
#
# COMPACT_ATOMS: atom_id res chain seq x y z
N ASP A 11 25.72 -30.56 4.49
CA ASP A 11 25.73 -29.27 3.72
C ASP A 11 24.44 -28.47 3.96
N ASN A 12 23.42 -29.11 4.56
CA ASN A 12 22.14 -28.51 4.92
C ASN A 12 22.20 -27.92 6.33
N LEU A 13 21.52 -26.77 6.51
CA LEU A 13 21.52 -26.11 7.79
C LEU A 13 20.21 -25.35 7.96
N LEU A 14 19.65 -25.41 9.17
CA LEU A 14 18.44 -24.67 9.50
C LEU A 14 18.67 -23.91 10.80
N VAL A 15 18.32 -22.60 10.79
CA VAL A 15 18.49 -21.77 11.98
C VAL A 15 17.11 -21.55 12.59
N LEU A 16 17.00 -21.92 13.87
CA LEU A 16 15.78 -21.79 14.64
C LEU A 16 16.00 -20.63 15.57
N GLY A 17 15.47 -19.46 15.18
CA GLY A 17 15.58 -18.30 16.02
C GLY A 17 14.33 -18.16 16.90
N ILE A 18 14.57 -18.00 18.20
CA ILE A 18 13.47 -17.92 19.15
C ILE A 18 13.00 -16.47 19.15
N GLY A 19 11.72 -16.28 18.79
CA GLY A 19 11.11 -14.97 18.79
C GLY A 19 9.63 -15.04 19.18
N ILE A 20 9.38 -15.22 20.47
CA ILE A 20 8.03 -15.46 20.95
C ILE A 20 7.37 -14.12 21.25
N SER A 21 6.41 -13.74 20.42
CA SER A 21 5.75 -12.46 20.59
C SER A 21 4.55 -12.48 19.67
N VAL A 22 3.47 -11.80 20.08
CA VAL A 22 2.30 -11.64 19.21
C VAL A 22 2.66 -10.78 18.00
N HIS A 23 3.38 -9.68 18.22
CA HIS A 23 3.79 -8.86 17.09
C HIS A 23 5.32 -8.78 17.05
N LYS A 24 5.87 -8.64 15.83
CA LYS A 24 7.31 -8.76 15.66
C LYS A 24 8.02 -7.49 16.16
N THR A 25 9.07 -7.70 16.95
CA THR A 25 9.98 -6.65 17.38
C THR A 25 10.95 -6.30 16.25
N ASP A 26 11.60 -5.14 16.38
CA ASP A 26 12.68 -4.80 15.46
C ASP A 26 13.87 -5.75 15.62
N GLY A 27 14.07 -6.28 16.83
CA GLY A 27 15.16 -7.26 17.01
C GLY A 27 14.97 -8.47 16.08
N VAL A 28 13.74 -8.99 16.01
CA VAL A 28 13.51 -10.17 15.18
C VAL A 28 13.55 -9.78 13.71
N LEU A 29 13.03 -8.59 13.36
CA LEU A 29 13.08 -8.11 11.99
C LEU A 29 14.54 -8.01 11.51
N ARG A 30 15.40 -7.47 12.37
CA ARG A 30 16.81 -7.32 12.04
C ARG A 30 17.48 -8.70 11.88
N PHE A 31 17.17 -9.60 12.83
CA PHE A 31 17.65 -10.97 12.75
C PHE A 31 17.29 -11.59 11.40
N GLU A 32 16.02 -11.43 11.00
CA GLU A 32 15.55 -12.01 9.75
C GLU A 32 16.31 -11.44 8.56
N LYS A 33 16.49 -10.12 8.51
CA LYS A 33 17.19 -9.48 7.40
C LYS A 33 18.63 -9.98 7.30
N TYR A 34 19.29 -10.17 8.45
CA TYR A 34 20.67 -10.65 8.43
C TYR A 34 20.72 -12.11 7.98
N CYS A 35 19.76 -12.92 8.44
CA CYS A 35 19.64 -14.29 7.94
C CYS A 35 19.55 -14.31 6.42
N GLN A 36 18.64 -13.49 5.86
CA GLN A 36 18.41 -13.48 4.42
C GLN A 36 19.67 -13.03 3.69
N ALA A 37 20.37 -12.04 4.26
CA ALA A 37 21.55 -11.51 3.61
C ALA A 37 22.64 -12.57 3.50
N HIS A 38 22.68 -13.54 4.42
CA HIS A 38 23.73 -14.55 4.41
C HIS A 38 23.21 -15.91 3.89
N ASN A 39 22.04 -15.91 3.25
CA ASN A 39 21.44 -17.11 2.67
C ASN A 39 21.29 -18.21 3.72
N LEU A 40 20.90 -17.83 4.94
CA LEU A 40 20.61 -18.79 6.00
C LEU A 40 19.11 -19.10 6.00
N GLN A 41 18.77 -20.39 5.82
CA GLN A 41 17.42 -20.90 6.00
C GLN A 41 17.07 -20.81 7.48
N TYR A 42 15.91 -20.22 7.79
CA TYR A 42 15.57 -20.04 9.18
C TYR A 42 14.06 -20.19 9.38
N MET A 43 13.68 -20.38 10.63
CA MET A 43 12.29 -20.22 11.01
C MET A 43 12.28 -19.51 12.36
N ILE A 44 11.28 -18.66 12.57
CA ILE A 44 11.16 -18.00 13.86
C ILE A 44 10.26 -18.85 14.76
N VAL A 45 10.86 -19.44 15.79
CA VAL A 45 10.12 -20.26 16.73
C VAL A 45 9.29 -19.34 17.62
N GLY A 46 7.97 -19.55 17.64
CA GLY A 46 7.14 -18.86 18.63
C GLY A 46 6.49 -17.60 18.07
N GLU A 47 6.69 -17.39 16.76
CA GLU A 47 6.16 -16.22 16.07
C GLU A 47 4.65 -16.17 16.24
N GLY A 48 4.12 -15.01 16.65
CA GLY A 48 2.67 -14.82 16.76
C GLY A 48 2.10 -15.32 18.09
N LYS A 49 2.94 -15.95 18.94
CA LYS A 49 2.48 -16.45 20.22
C LYS A 49 2.88 -15.48 21.33
N LYS A 50 2.11 -15.49 22.42
CA LYS A 50 2.33 -14.61 23.56
C LYS A 50 3.50 -15.10 24.42
N TRP A 51 4.29 -14.13 24.92
CA TRP A 51 5.40 -14.40 25.80
C TRP A 51 4.91 -14.48 27.25
N ASN A 52 5.40 -15.49 27.99
CA ASN A 52 5.14 -15.63 29.42
C ASN A 52 6.47 -15.45 30.15
N GLY A 53 7.47 -16.25 29.73
CA GLY A 53 8.69 -16.60 30.45
C GLY A 53 9.32 -15.45 31.19
N ALA A 60 16.16 -13.91 35.36
CA ALA A 60 16.16 -15.38 35.16
C ALA A 60 14.76 -15.88 34.76
N GLY A 61 14.73 -16.88 33.89
CA GLY A 61 13.52 -17.37 33.27
C GLY A 61 13.84 -17.93 31.89
N GLY A 62 12.84 -17.96 31.00
CA GLY A 62 13.11 -18.34 29.62
C GLY A 62 12.78 -19.80 29.32
N GLY A 63 12.18 -20.50 30.30
CA GLY A 63 11.76 -21.90 30.13
C GLY A 63 10.86 -22.10 28.92
N GLN A 64 10.03 -21.10 28.62
CA GLN A 64 9.11 -21.16 27.50
C GLN A 64 9.89 -21.29 26.20
N LYS A 65 11.15 -20.83 26.19
CA LYS A 65 11.95 -20.93 24.97
C LYS A 65 12.18 -22.40 24.63
N ILE A 66 12.56 -23.19 25.64
CA ILE A 66 12.73 -24.64 25.50
C ILE A 66 11.42 -25.32 25.07
N ASN A 67 10.30 -24.91 25.70
CA ASN A 67 8.99 -25.48 25.41
C ASN A 67 8.59 -25.24 23.96
N GLU A 68 8.84 -24.00 23.47
CA GLU A 68 8.48 -23.66 22.11
C GLU A 68 9.40 -24.35 21.11
N LEU A 69 10.67 -24.47 21.48
CA LEU A 69 11.62 -25.15 20.60
C LEU A 69 11.19 -26.62 20.44
N LEU A 70 10.76 -27.23 21.54
CA LEU A 70 10.32 -28.63 21.47
C LEU A 70 9.20 -28.76 20.44
N ILE A 71 8.21 -27.86 20.50
CA ILE A 71 7.13 -27.89 19.54
C ILE A 71 7.67 -27.78 18.11
N ALA A 72 8.62 -26.85 17.90
CA ALA A 72 9.21 -26.66 16.57
C ALA A 72 9.92 -27.94 16.10
N LEU A 73 10.64 -28.61 17.01
CA LEU A 73 11.36 -29.82 16.65
C LEU A 73 10.43 -30.96 16.21
N GLU A 74 9.16 -30.93 16.65
CA GLU A 74 8.18 -31.91 16.21
C GLU A 74 7.87 -31.82 14.72
N SER A 75 8.19 -30.68 14.07
CA SER A 75 7.93 -30.59 12.63
C SER A 75 9.17 -30.89 11.79
N ILE A 76 10.28 -31.19 12.46
CA ILE A 76 11.52 -31.54 11.80
C ILE A 76 11.78 -33.01 12.11
N LYS A 77 11.49 -33.88 11.15
CA LYS A 77 11.54 -35.31 11.42
C LYS A 77 12.95 -35.85 11.16
N ASP A 78 13.52 -35.48 10.01
CA ASP A 78 14.89 -35.85 9.69
C ASP A 78 15.85 -35.26 10.73
N ASN A 79 17.03 -35.86 10.81
CA ASN A 79 18.01 -35.53 11.83
C ASN A 79 18.89 -34.40 11.30
N LYS A 80 18.30 -33.22 11.14
CA LYS A 80 18.93 -32.05 10.51
C LYS A 80 19.92 -31.41 11.47
N LEU A 81 20.98 -30.83 10.91
CA LEU A 81 21.87 -29.99 11.69
C LEU A 81 21.21 -28.61 11.84
N ILE A 82 21.07 -28.15 13.08
CA ILE A 82 20.32 -26.93 13.33
C ILE A 82 21.11 -26.01 14.26
N VAL A 83 20.91 -24.69 14.06
CA VAL A 83 21.34 -23.73 15.05
C VAL A 83 20.08 -23.27 15.78
N VAL A 84 20.21 -23.04 17.09
CA VAL A 84 19.14 -22.47 17.89
C VAL A 84 19.69 -21.22 18.57
N CYS A 85 19.04 -20.07 18.38
CA CYS A 85 19.60 -18.83 18.94
C CYS A 85 18.50 -17.81 19.29
N ASP A 86 18.81 -16.91 20.23
CA ASP A 86 18.06 -15.67 20.47
C ASP A 86 17.93 -14.86 19.17
N THR A 87 16.93 -13.96 19.11
CA THR A 87 16.78 -13.16 17.91
C THR A 87 16.74 -11.67 18.26
N TYR A 88 16.37 -11.32 19.49
CA TYR A 88 16.07 -9.91 19.74
C TYR A 88 17.35 -9.09 19.76
N ASP A 89 18.45 -9.75 20.12
CA ASP A 89 19.71 -9.10 20.42
C ASP A 89 20.84 -9.86 19.73
N LEU A 90 20.59 -10.39 18.53
CA LEU A 90 21.54 -11.29 17.92
C LEU A 90 21.45 -11.21 16.40
N ILE A 91 22.59 -11.20 15.71
CA ILE A 91 22.54 -11.26 14.25
C ILE A 91 23.60 -12.22 13.75
N PRO A 92 23.35 -12.97 12.65
CA PRO A 92 24.42 -13.70 11.95
C PRO A 92 25.23 -12.79 11.03
N LEU A 93 26.53 -13.10 10.88
CA LEU A 93 27.43 -12.28 10.08
C LEU A 93 28.10 -13.09 8.98
N SER A 94 27.75 -14.37 8.88
N SER A 94 27.76 -14.37 8.88
CA SER A 94 28.26 -15.20 7.79
CA SER A 94 28.29 -15.22 7.81
C SER A 94 27.22 -16.25 7.42
C SER A 94 27.22 -16.24 7.41
N GLY A 95 27.52 -17.00 6.35
CA GLY A 95 26.58 -17.94 5.74
C GLY A 95 26.80 -19.39 6.17
N PRO A 96 26.01 -20.34 5.60
CA PRO A 96 26.07 -21.73 6.02
C PRO A 96 27.41 -22.45 5.87
N GLU A 97 28.15 -22.14 4.79
CA GLU A 97 29.43 -22.77 4.49
C GLU A 97 30.40 -22.57 5.65
N GLU A 98 30.54 -21.31 6.08
CA GLU A 98 31.46 -21.00 7.17
C GLU A 98 31.01 -21.70 8.45
N ILE A 99 29.70 -21.68 8.70
CA ILE A 99 29.16 -22.25 9.94
C ILE A 99 29.44 -23.76 9.95
N LEU A 100 29.18 -24.42 8.81
CA LEU A 100 29.39 -25.86 8.74
C LEU A 100 30.87 -26.21 8.96
N ARG A 101 31.78 -25.46 8.30
CA ARG A 101 33.20 -25.75 8.45
C ARG A 101 33.61 -25.64 9.91
N LYS A 102 33.13 -24.58 10.59
CA LYS A 102 33.53 -24.37 11.97
C LYS A 102 32.97 -25.47 12.87
N TYR A 103 31.72 -25.86 12.61
CA TYR A 103 31.07 -26.86 13.45
C TYR A 103 31.86 -28.18 13.36
N ARG A 104 32.20 -28.58 12.14
CA ARG A 104 32.91 -29.83 11.91
C ARG A 104 34.29 -29.81 12.57
N PHE A 105 34.96 -28.64 12.54
CA PHE A 105 36.23 -28.50 13.21
C PHE A 105 36.09 -28.55 14.72
N LEU A 106 35.05 -27.89 15.26
CA LEU A 106 34.89 -27.79 16.70
C LEU A 106 34.52 -29.16 17.30
N THR A 107 33.75 -29.96 16.58
CA THR A 107 33.26 -31.21 17.14
C THR A 107 33.24 -32.29 16.06
N PRO A 108 34.36 -33.01 15.88
CA PRO A 108 34.38 -34.17 14.98
C PRO A 108 33.33 -35.22 15.38
N ASP A 109 33.01 -35.27 16.68
CA ASP A 109 32.03 -36.21 17.27
C ASP A 109 30.58 -35.75 17.11
N ASN A 110 30.35 -34.60 16.48
CA ASN A 110 29.00 -34.11 16.23
C ASN A 110 28.21 -33.91 17.53
N LYS A 111 28.85 -33.33 18.54
CA LYS A 111 28.17 -32.94 19.76
C LYS A 111 27.36 -31.65 19.54
N VAL A 112 26.73 -31.16 20.63
CA VAL A 112 26.01 -29.90 20.59
C VAL A 112 26.97 -28.81 21.07
N VAL A 113 27.20 -27.80 20.23
CA VAL A 113 28.14 -26.75 20.61
C VAL A 113 27.33 -25.58 21.16
N PHE A 114 27.68 -25.12 22.37
CA PHE A 114 27.07 -23.98 22.99
C PHE A 114 28.04 -22.79 23.02
N SER A 115 27.45 -21.59 22.95
CA SER A 115 28.20 -20.35 23.14
C SER A 115 28.90 -20.36 24.49
N SER A 116 30.10 -19.76 24.57
CA SER A 116 30.73 -19.48 25.84
C SER A 116 30.44 -18.04 26.26
N GLU A 117 30.78 -17.70 27.50
CA GLU A 117 30.61 -16.35 28.04
C GLU A 117 31.50 -16.18 29.26
N LEU A 118 31.61 -14.93 29.71
CA LEU A 118 32.53 -14.55 30.77
C LEU A 118 32.00 -14.94 32.15
N TYR A 119 30.68 -15.11 32.31
CA TYR A 119 30.13 -15.20 33.66
C TYR A 119 29.35 -16.50 33.89
N CYS A 120 29.37 -16.94 35.15
CA CYS A 120 28.70 -18.17 35.55
C CYS A 120 27.35 -17.76 36.14
N TRP A 121 26.29 -17.97 35.36
CA TRP A 121 25.01 -17.34 35.62
C TRP A 121 23.95 -18.30 35.13
N PRO A 122 22.79 -18.47 35.82
CA PRO A 122 22.42 -17.70 37.01
C PRO A 122 22.91 -18.21 38.37
N ASP A 123 23.60 -19.36 38.36
CA ASP A 123 24.00 -20.03 39.59
C ASP A 123 25.51 -19.95 39.74
N ALA A 124 25.98 -18.94 40.48
CA ALA A 124 27.40 -18.68 40.63
C ALA A 124 28.12 -19.84 41.32
N SER A 125 27.38 -20.78 41.92
CA SER A 125 28.02 -21.85 42.68
C SER A 125 28.39 -23.02 41.77
N LEU A 126 28.09 -22.92 40.47
CA LEU A 126 28.53 -23.91 39.51
C LEU A 126 30.00 -23.68 39.12
N VAL A 127 30.59 -22.60 39.66
CA VAL A 127 31.93 -22.18 39.26
C VAL A 127 32.89 -23.36 39.37
N GLU A 128 32.83 -24.04 40.53
CA GLU A 128 33.78 -25.10 40.87
C GLU A 128 33.51 -26.36 40.06
N ARG A 129 32.35 -26.43 39.41
CA ARG A 129 31.98 -27.62 38.68
C ARG A 129 32.34 -27.53 37.20
N TYR A 130 32.66 -26.31 36.72
CA TYR A 130 33.03 -26.18 35.32
C TYR A 130 34.45 -26.71 35.10
N PRO A 131 34.75 -27.30 33.92
CA PRO A 131 36.14 -27.61 33.54
C PRO A 131 37.05 -26.39 33.65
N LYS A 132 38.27 -26.57 34.18
CA LYS A 132 39.26 -25.50 34.25
C LYS A 132 39.84 -25.29 32.85
N VAL A 133 40.02 -24.02 32.47
CA VAL A 133 40.48 -23.68 31.13
C VAL A 133 41.31 -22.40 31.23
N ASP A 134 42.23 -22.20 30.27
CA ASP A 134 43.07 -21.01 30.31
C ASP A 134 42.26 -19.73 30.10
N THR A 135 41.30 -19.80 29.19
CA THR A 135 40.59 -18.62 28.72
C THR A 135 39.67 -18.04 29.79
N LYS A 136 39.34 -16.75 29.60
CA LYS A 136 38.32 -16.08 30.41
C LYS A 136 36.91 -16.47 29.97
N TYR A 137 36.78 -17.04 28.78
CA TYR A 137 35.49 -17.49 28.28
C TYR A 137 35.15 -18.88 28.85
N LYS A 138 34.80 -18.94 30.14
CA LYS A 138 34.78 -20.22 30.84
C LYS A 138 33.41 -20.90 30.84
N TYR A 139 32.32 -20.14 30.68
CA TYR A 139 30.99 -20.61 31.05
C TYR A 139 30.02 -20.69 29.87
N LEU A 140 28.92 -21.42 30.08
CA LEU A 140 27.93 -21.64 29.05
C LEU A 140 26.99 -20.42 28.93
N ASN A 141 26.60 -20.11 27.70
CA ASN A 141 25.54 -19.14 27.42
C ASN A 141 24.54 -19.81 26.49
N SER A 142 23.26 -19.86 26.90
CA SER A 142 22.28 -20.65 26.16
C SER A 142 21.63 -19.88 25.01
N GLY A 143 22.07 -18.63 24.79
CA GLY A 143 21.51 -17.81 23.73
C GLY A 143 21.90 -18.22 22.31
N ALA A 144 22.86 -19.15 22.15
CA ALA A 144 23.15 -19.70 20.83
C ALA A 144 23.82 -21.08 20.98
N PHE A 145 23.38 -22.06 20.16
CA PHE A 145 23.93 -23.39 20.17
C PHE A 145 23.62 -24.06 18.83
N MET A 146 24.35 -25.16 18.54
CA MET A 146 24.25 -25.82 17.25
C MET A 146 24.51 -27.32 17.44
N GLY A 147 23.65 -28.14 16.82
CA GLY A 147 23.81 -29.58 16.87
C GLY A 147 22.73 -30.28 16.07
N TYR A 148 22.74 -31.63 16.12
CA TYR A 148 21.74 -32.43 15.43
C TYR A 148 20.39 -32.37 16.16
N ARG A 149 19.31 -32.27 15.38
CA ARG A 149 17.94 -32.23 15.88
C ARG A 149 17.69 -33.31 16.93
N ASP A 150 18.11 -34.56 16.65
CA ASP A 150 17.83 -35.68 17.55
C ASP A 150 18.48 -35.46 18.92
N ASP A 151 19.73 -34.99 18.93
CA ASP A 151 20.44 -34.77 20.17
C ASP A 151 19.80 -33.66 21.01
N ILE A 152 19.35 -32.61 20.32
CA ILE A 152 18.78 -31.47 21.02
C ILE A 152 17.42 -31.91 21.60
N TYR A 153 16.62 -32.58 20.76
CA TYR A 153 15.35 -33.17 21.17
C TYR A 153 15.54 -34.04 22.41
N GLU A 154 16.53 -34.94 22.41
CA GLU A 154 16.77 -35.81 23.56
C GLU A 154 16.92 -35.00 24.85
N MET A 155 17.62 -33.86 24.79
CA MET A 155 17.83 -33.08 26.00
C MET A 155 16.56 -32.40 26.49
N ILE A 156 15.62 -32.06 25.59
CA ILE A 156 14.49 -31.22 25.96
C ILE A 156 13.14 -31.95 25.88
N LYS A 157 13.15 -33.25 25.53
CA LYS A 157 11.92 -33.95 25.16
C LYS A 157 10.86 -33.92 26.26
N ASN A 158 11.24 -33.73 27.54
CA ASN A 158 10.26 -33.78 28.62
C ASN A 158 9.69 -32.42 28.99
N GLY A 159 10.18 -31.34 28.34
CA GLY A 159 9.69 -30.00 28.62
C GLY A 159 10.22 -29.49 29.96
N VAL A 160 9.92 -28.22 30.26
CA VAL A 160 10.31 -27.57 31.50
C VAL A 160 9.14 -26.65 31.86
N LYS A 161 9.26 -25.93 32.99
CA LYS A 161 8.29 -24.91 33.34
C LYS A 161 8.59 -23.65 32.52
N ASP A 162 7.53 -22.91 32.16
CA ASP A 162 7.67 -21.65 31.47
C ASP A 162 8.63 -20.70 32.20
N ARG A 163 8.66 -20.78 33.53
CA ARG A 163 9.39 -19.81 34.33
C ARG A 163 10.77 -20.34 34.70
N ASP A 164 11.03 -21.63 34.44
CA ASP A 164 12.36 -22.19 34.62
C ASP A 164 13.40 -21.36 33.87
N ASP A 165 14.67 -21.51 34.28
CA ASP A 165 15.79 -20.81 33.67
C ASP A 165 16.46 -21.72 32.63
N ASP A 166 16.33 -21.34 31.35
CA ASP A 166 16.89 -22.11 30.25
C ASP A 166 18.42 -22.17 30.33
N GLN A 167 19.04 -21.08 30.80
CA GLN A 167 20.49 -21.04 30.96
C GLN A 167 20.97 -22.04 32.01
N LEU A 168 20.33 -22.09 33.17
CA LEU A 168 20.68 -23.06 34.20
C LEU A 168 20.48 -24.47 33.68
N PHE A 169 19.34 -24.72 32.99
CA PHE A 169 19.03 -26.03 32.48
C PHE A 169 20.20 -26.57 31.64
N PHE A 170 20.67 -25.73 30.70
CA PHE A 170 21.70 -26.17 29.78
C PHE A 170 23.07 -26.24 30.45
N SER A 171 23.31 -25.40 31.45
CA SER A 171 24.55 -25.39 32.19
C SER A 171 24.72 -26.73 32.92
N ILE A 172 23.64 -27.17 33.56
CA ILE A 172 23.61 -28.46 34.22
C ILE A 172 23.88 -29.54 33.19
N LYS A 173 23.16 -29.51 32.07
CA LYS A 173 23.38 -30.50 31.03
C LYS A 173 24.86 -30.57 30.66
N PHE A 174 25.52 -29.39 30.63
CA PHE A 174 26.88 -29.32 30.15
C PHE A 174 27.82 -29.95 31.18
N ILE A 175 27.62 -29.62 32.46
CA ILE A 175 28.54 -30.09 33.49
C ILE A 175 28.28 -31.57 33.80
N GLU A 176 27.05 -32.06 33.59
CA GLU A 176 26.67 -33.37 34.09
C GLU A 176 26.58 -34.44 33.01
N THR A 177 26.58 -34.04 31.74
CA THR A 177 26.69 -35.01 30.66
C THR A 177 27.96 -34.75 29.86
N ASP A 178 28.08 -35.43 28.72
CA ASP A 178 29.17 -35.23 27.78
C ASP A 178 28.57 -34.87 26.43
N LYS A 179 27.35 -34.31 26.44
CA LYS A 179 26.59 -34.10 25.22
C LYS A 179 26.98 -32.77 24.57
N ILE A 180 27.58 -31.87 25.36
CA ILE A 180 27.79 -30.48 24.94
C ILE A 180 29.28 -30.13 24.98
N VAL A 181 29.73 -29.35 23.99
CA VAL A 181 31.04 -28.72 24.04
CA VAL A 181 31.04 -28.73 23.99
C VAL A 181 30.85 -27.21 23.93
N LEU A 182 31.68 -26.45 24.66
CA LEU A 182 31.64 -24.99 24.62
C LEU A 182 32.54 -24.43 23.53
N ASP A 183 32.10 -23.32 22.93
CA ASP A 183 32.85 -22.63 21.88
C ASP A 183 33.78 -21.62 22.55
N TYR A 184 34.83 -22.11 23.20
CA TYR A 184 35.72 -21.29 24.00
C TYR A 184 36.43 -20.20 23.17
N LYS A 185 36.66 -20.47 21.88
CA LYS A 185 37.43 -19.56 21.03
C LYS A 185 36.52 -18.65 20.18
N CYS A 186 35.22 -18.63 20.49
CA CYS A 186 34.27 -17.71 19.84
C CYS A 186 34.38 -17.80 18.32
N GLU A 187 34.31 -19.03 17.80
CA GLU A 187 34.36 -19.29 16.37
C GLU A 187 32.95 -19.20 15.79
N LEU A 188 31.98 -19.85 16.45
CA LEU A 188 30.61 -19.78 15.97
C LEU A 188 29.86 -18.62 16.64
N PHE A 189 30.10 -18.41 17.94
CA PHE A 189 29.23 -17.58 18.75
C PHE A 189 30.05 -16.58 19.56
N GLN A 190 29.53 -15.37 19.69
CA GLN A 190 30.09 -14.36 20.58
C GLN A 190 29.03 -13.80 21.50
N ALA A 191 29.16 -14.11 22.80
CA ALA A 191 28.48 -13.38 23.86
C ALA A 191 29.27 -12.11 24.13
N MET A 192 28.72 -10.97 23.71
CA MET A 192 29.47 -9.72 23.63
C MET A 192 29.58 -9.00 24.98
N TYR A 193 28.78 -9.41 25.98
CA TYR A 193 28.73 -8.65 27.22
C TYR A 193 30.10 -8.59 27.92
N ARG A 194 30.54 -7.37 28.19
CA ARG A 194 31.81 -7.04 28.84
C ARG A 194 33.03 -7.51 28.03
N CYS A 195 32.86 -7.68 26.73
CA CYS A 195 33.98 -8.06 25.87
C CYS A 195 34.37 -6.91 24.94
N ASN A 196 33.90 -5.70 25.24
CA ASN A 196 34.15 -4.50 24.45
C ASN A 196 35.60 -4.42 23.96
N SER A 197 36.57 -4.61 24.86
CA SER A 197 37.96 -4.37 24.46
C SER A 197 38.51 -5.51 23.60
N ASP A 198 37.83 -6.65 23.52
CA ASP A 198 38.21 -7.76 22.66
C ASP A 198 37.76 -7.56 21.21
N LEU A 199 36.71 -6.74 20.98
CA LEU A 199 35.96 -6.80 19.73
C LEU A 199 36.16 -5.52 18.89
N VAL A 200 36.32 -5.69 17.59
CA VAL A 200 36.38 -4.56 16.67
C VAL A 200 35.58 -4.95 15.43
N VAL A 201 35.07 -3.93 14.73
CA VAL A 201 34.45 -4.11 13.44
C VAL A 201 35.54 -4.00 12.39
N HIS A 202 35.61 -4.99 11.51
CA HIS A 202 36.62 -5.05 10.46
C HIS A 202 36.08 -5.87 9.30
N LYS A 203 36.10 -5.31 8.08
CA LYS A 203 35.62 -5.97 6.87
C LYS A 203 34.27 -6.65 7.11
N ASN A 204 33.32 -5.85 7.62
CA ASN A 204 31.91 -6.22 7.74
C ASN A 204 31.74 -7.41 8.68
N ARG A 205 32.63 -7.57 9.64
CA ARG A 205 32.63 -8.66 10.59
C ARG A 205 33.02 -8.11 11.96
N ILE A 206 32.69 -8.86 13.00
CA ILE A 206 33.31 -8.64 14.30
C ILE A 206 34.59 -9.48 14.35
N PHE A 207 35.69 -8.85 14.71
CA PHE A 207 36.90 -9.62 14.99
C PHE A 207 37.18 -9.61 16.49
N ASN A 208 37.39 -10.78 17.07
CA ASN A 208 37.74 -10.93 18.46
C ASN A 208 39.26 -11.11 18.55
N GLY A 209 39.95 -10.08 19.07
CA GLY A 209 41.40 -10.09 19.13
C GLY A 209 41.91 -10.98 20.26
N TYR A 210 41.04 -11.22 21.26
CA TYR A 210 41.41 -12.11 22.35
C TYR A 210 41.50 -13.54 21.84
N THR A 211 40.49 -14.00 21.08
CA THR A 211 40.43 -15.38 20.65
C THR A 211 41.09 -15.56 19.29
N ASN A 212 41.34 -14.44 18.57
CA ASN A 212 41.79 -14.47 17.18
C ASN A 212 40.74 -15.20 16.33
N SER A 213 39.52 -14.66 16.28
CA SER A 213 38.44 -15.28 15.54
C SER A 213 37.51 -14.22 14.99
N TYR A 214 36.65 -14.65 14.09
CA TYR A 214 35.58 -13.82 13.56
C TYR A 214 34.26 -14.52 13.86
N PRO A 215 33.66 -14.33 15.05
CA PRO A 215 32.44 -15.09 15.41
C PRO A 215 31.32 -14.93 14.38
N VAL A 216 30.60 -16.00 14.09
CA VAL A 216 29.53 -15.92 13.11
C VAL A 216 28.32 -15.20 13.70
N PHE A 217 27.90 -15.62 14.90
CA PHE A 217 26.69 -15.07 15.49
C PHE A 217 27.06 -14.04 16.57
N ALA A 218 26.65 -12.78 16.35
CA ALA A 218 26.98 -11.69 17.27
C ALA A 218 25.80 -11.52 18.24
N HIS A 219 26.05 -11.85 19.51
CA HIS A 219 24.96 -11.90 20.50
C HIS A 219 25.22 -10.80 21.51
N GLY A 220 24.41 -9.72 21.42
CA GLY A 220 24.52 -8.65 22.41
C GLY A 220 23.74 -9.00 23.68
N ASN A 221 24.25 -10.00 24.43
CA ASN A 221 23.51 -10.61 25.53
C ASN A 221 23.38 -9.60 26.68
N GLY A 222 22.21 -9.61 27.34
CA GLY A 222 22.03 -8.72 28.48
C GLY A 222 22.24 -7.26 28.08
N PRO A 223 22.95 -6.45 28.88
CA PRO A 223 23.20 -5.06 28.53
C PRO A 223 23.97 -4.84 27.22
N ALA A 224 24.60 -5.92 26.69
CA ALA A 224 25.45 -5.74 25.50
C ALA A 224 24.61 -5.54 24.24
N LYS A 225 23.29 -5.54 24.40
CA LYS A 225 22.40 -5.09 23.33
C LYS A 225 22.84 -3.71 22.85
N LYS A 226 23.36 -2.88 23.75
CA LYS A 226 23.74 -1.55 23.30
C LYS A 226 25.03 -1.55 22.48
N LEU A 227 25.93 -2.51 22.75
CA LEU A 227 27.14 -2.68 21.94
C LEU A 227 26.76 -3.14 20.53
N LEU A 228 25.89 -4.15 20.45
CA LEU A 228 25.48 -4.65 19.14
C LEU A 228 24.74 -3.55 18.37
N ASN A 229 23.82 -2.82 19.02
CA ASN A 229 23.10 -1.72 18.38
C ASN A 229 24.09 -0.67 17.86
N HIS A 230 25.16 -0.40 18.63
CA HIS A 230 26.17 0.56 18.24
C HIS A 230 26.94 0.09 17.00
N MET A 231 27.33 -1.19 16.97
CA MET A 231 28.07 -1.75 15.83
C MET A 231 27.21 -1.87 14.57
N GLU A 232 25.88 -1.99 14.73
CA GLU A 232 24.96 -2.26 13.62
C GLU A 232 25.14 -1.19 12.53
N GLY A 233 25.34 0.05 12.95
CA GLY A 233 25.48 1.17 12.00
C GLY A 233 26.75 1.04 11.15
N TYR A 234 27.65 0.09 11.47
CA TYR A 234 28.89 -0.09 10.71
C TYR A 234 28.82 -1.30 9.77
N PHE A 235 27.79 -2.14 9.97
CA PHE A 235 27.64 -3.36 9.19
C PHE A 235 26.76 -3.08 7.97
N MET A 236 26.78 -4.02 7.02
CA MET A 236 25.85 -3.93 5.91
C MET A 236 25.34 -5.34 5.58
N THR A 237 24.13 -5.40 5.03
CA THR A 237 23.60 -6.67 4.57
C THR A 237 23.90 -6.86 3.08
N GLU A 238 24.18 -5.76 2.38
CA GLU A 238 24.61 -5.82 0.99
C GLU A 238 25.46 -4.60 0.66
N PRO A 239 26.19 -4.56 -0.48
CA PRO A 239 27.11 -3.46 -0.77
C PRO A 239 26.26 -2.21 -0.77
N ILE A 240 26.81 -1.09 -0.29
CA ILE A 240 25.96 0.08 -0.27
C ILE A 240 25.82 0.66 -1.67
N ASP A 241 24.73 1.39 -1.87
CA ASP A 241 24.54 2.14 -3.09
C ASP A 241 25.18 3.50 -2.92
N GLY A 242 26.34 3.68 -3.54
CA GLY A 242 27.16 4.88 -3.38
C GLY A 242 26.47 6.10 -3.99
N SER A 243 25.47 5.87 -4.86
CA SER A 243 24.78 6.98 -5.49
C SER A 243 23.51 7.39 -4.73
N SER A 244 23.30 6.84 -3.53
CA SER A 244 22.05 7.05 -2.80
C SER A 244 21.75 8.53 -2.58
N ASN A 245 22.78 9.37 -2.39
CA ASN A 245 22.56 10.79 -2.10
C ASN A 245 23.02 11.68 -3.25
N THR A 246 23.39 11.09 -4.40
CA THR A 246 23.95 11.86 -5.50
C THR A 246 22.96 12.94 -5.93
N ILE A 247 21.68 12.53 -6.04
CA ILE A 247 20.55 13.45 -6.09
C ILE A 247 19.95 13.47 -4.68
N ASN A 248 19.92 14.64 -4.04
CA ASN A 248 19.45 14.65 -2.66
C ASN A 248 18.08 15.35 -2.55
N THR A 249 17.32 15.36 -3.65
CA THR A 249 15.90 15.71 -3.61
C THR A 249 15.10 14.42 -3.69
N PHE A 250 14.01 14.34 -2.94
CA PHE A 250 13.27 13.09 -2.86
C PHE A 250 11.79 13.35 -3.10
N LYS A 251 11.15 12.44 -3.84
CA LYS A 251 9.71 12.53 -4.06
C LYS A 251 9.14 11.12 -4.27
N LEU A 252 8.17 10.74 -3.43
CA LEU A 252 7.57 9.41 -3.53
C LEU A 252 6.67 9.37 -4.75
N ASP A 253 6.56 8.19 -5.37
CA ASP A 253 5.62 8.04 -6.46
CA ASP A 253 5.62 7.90 -6.43
C ASP A 253 4.18 8.05 -5.90
N ASN A 254 3.94 7.40 -4.75
CA ASN A 254 2.66 7.36 -4.07
C ASN A 254 2.85 7.68 -2.59
N GLU A 255 2.10 8.67 -2.10
CA GLU A 255 2.26 9.18 -0.74
C GLU A 255 1.31 8.45 0.21
N PRO A 256 1.84 7.66 1.17
CA PRO A 256 1.02 7.07 2.22
C PRO A 256 0.53 8.22 3.10
N LYS A 257 -0.54 7.97 3.86
CA LYS A 257 -1.14 9.00 4.69
C LYS A 257 -0.30 9.19 5.94
N VAL A 258 0.06 10.45 6.23
CA VAL A 258 0.88 10.77 7.38
C VAL A 258 0.09 11.63 8.36
N PHE A 259 0.06 11.21 9.62
CA PHE A 259 -0.55 11.97 10.70
C PHE A 259 0.51 12.86 11.36
N PHE A 260 0.37 14.17 11.22
CA PHE A 260 1.27 15.13 11.83
C PHE A 260 0.76 15.44 13.22
N ALA A 261 1.55 15.12 14.25
CA ALA A 261 1.23 15.45 15.62
C ALA A 261 2.16 16.55 16.12
N LEU A 262 1.64 17.78 16.24
CA LEU A 262 2.44 18.94 16.60
C LEU A 262 2.27 19.23 18.09
N TYR A 263 3.39 19.25 18.81
CA TYR A 263 3.42 19.53 20.24
C TYR A 263 3.86 20.98 20.43
N VAL A 264 2.90 21.85 20.79
CA VAL A 264 3.05 23.30 20.75
C VAL A 264 2.72 23.92 22.11
N ASP A 265 3.04 25.21 22.24
CA ASP A 265 2.67 26.04 23.37
C ASP A 265 2.33 27.44 22.86
N SER A 266 1.04 27.76 22.80
CA SER A 266 0.58 29.05 22.31
C SER A 266 0.94 30.21 23.24
N ASN A 267 1.40 29.91 24.47
CA ASN A 267 1.97 30.95 25.32
C ASN A 267 3.05 31.71 24.55
N ASP A 268 3.92 30.99 23.84
CA ASP A 268 4.93 31.63 23.02
C ASP A 268 4.46 31.68 21.57
N LEU A 269 3.65 32.71 21.28
CA LEU A 269 2.92 32.83 20.03
C LEU A 269 3.92 33.02 18.88
N SER A 270 5.07 33.64 19.19
CA SER A 270 6.10 33.92 18.21
C SER A 270 6.73 32.63 17.70
N ALA A 271 7.20 31.81 18.66
CA ALA A 271 7.79 30.54 18.35
C ALA A 271 6.77 29.68 17.60
N LEU A 272 5.51 29.69 18.06
CA LEU A 272 4.46 28.88 17.45
C LEU A 272 4.31 29.25 15.97
N LYS A 273 4.19 30.55 15.68
CA LYS A 273 3.98 31.01 14.32
C LYS A 273 5.16 30.61 13.43
N GLN A 274 6.38 30.81 13.91
CA GLN A 274 7.56 30.46 13.13
C GLN A 274 7.54 28.95 12.84
N PHE A 275 7.24 28.14 13.85
CA PHE A 275 7.25 26.69 13.72
C PHE A 275 6.19 26.25 12.72
N LEU A 276 4.95 26.75 12.86
CA LEU A 276 3.85 26.34 11.99
C LEU A 276 4.15 26.73 10.54
N GLY A 277 4.85 27.85 10.36
CA GLY A 277 5.23 28.28 9.01
C GLY A 277 6.16 27.26 8.35
N LYS A 278 7.11 26.71 9.11
CA LYS A 278 8.01 25.68 8.58
C LYS A 278 7.25 24.38 8.34
N VAL A 279 6.36 24.02 9.26
CA VAL A 279 5.59 22.79 9.14
C VAL A 279 4.70 22.87 7.90
N ALA A 280 4.08 24.05 7.68
CA ALA A 280 3.25 24.25 6.50
C ALA A 280 4.06 24.12 5.21
N SER A 281 5.37 24.39 5.27
CA SER A 281 6.22 24.33 4.09
C SER A 281 6.76 22.92 3.78
N ILE A 282 6.60 21.97 4.71
CA ILE A 282 6.95 20.58 4.40
C ILE A 282 6.04 20.12 3.27
N GLN A 283 6.62 19.59 2.20
CA GLN A 283 5.86 19.24 1.02
C GLN A 283 5.26 17.84 1.17
N TYR A 284 3.93 17.75 1.26
CA TYR A 284 3.32 16.46 1.47
C TYR A 284 1.82 16.61 1.26
N GLY A 285 1.26 15.78 0.38
CA GLY A 285 -0.13 15.92 -0.05
C GLY A 285 -1.08 15.17 0.89
N ASN A 286 -0.66 13.99 1.33
CA ASN A 286 -1.58 13.06 1.96
C ASN A 286 -1.41 13.10 3.48
N LYS A 287 -2.02 14.08 4.14
CA LYS A 287 -1.76 14.24 5.56
C LYS A 287 -3.00 14.65 6.32
N VAL A 288 -2.97 14.44 7.64
CA VAL A 288 -3.89 15.02 8.59
C VAL A 288 -3.04 15.65 9.69
N ILE A 289 -3.41 16.84 10.17
CA ILE A 289 -2.60 17.57 11.13
C ILE A 289 -3.40 17.82 12.41
N TYR A 290 -2.80 17.46 13.56
CA TYR A 290 -3.36 17.72 14.88
C TYR A 290 -2.38 18.58 15.67
N LEU A 291 -2.90 19.59 16.38
CA LEU A 291 -2.11 20.42 17.28
C LEU A 291 -2.43 20.07 18.72
N TYR A 292 -1.40 19.77 19.50
CA TYR A 292 -1.52 19.46 20.91
C TYR A 292 -0.80 20.55 21.69
N ASP A 293 -1.59 21.49 22.20
CA ASP A 293 -1.09 22.69 22.86
C ASP A 293 -0.98 22.43 24.36
N ARG A 294 0.16 22.83 24.93
CA ARG A 294 0.36 22.70 26.36
C ARG A 294 -0.60 23.64 27.11
N SER A 295 -0.86 24.81 26.50
CA SER A 295 -1.52 25.90 27.21
C SER A 295 -3.00 25.98 26.81
N ASP A 296 -3.70 26.99 27.35
CA ASP A 296 -5.05 27.33 26.95
C ASP A 296 -5.22 28.85 26.90
N ASN A 297 -4.65 29.44 25.85
CA ASN A 297 -4.95 30.82 25.46
C ASN A 297 -6.02 30.76 24.39
N GLU A 298 -7.25 31.17 24.73
CA GLU A 298 -8.42 30.86 23.92
C GLU A 298 -8.43 31.72 22.66
N GLN A 299 -8.03 32.98 22.79
CA GLN A 299 -8.06 33.91 21.66
C GLN A 299 -7.04 33.46 20.61
N ASN A 300 -5.90 32.95 21.09
CA ASN A 300 -4.87 32.38 20.23
C ASN A 300 -5.41 31.19 19.45
N ARG A 301 -6.02 30.23 20.17
CA ARG A 301 -6.56 29.01 19.57
CA ARG A 301 -6.56 29.01 19.57
C ARG A 301 -7.55 29.35 18.46
N LYS A 302 -8.50 30.25 18.76
CA LYS A 302 -9.47 30.78 17.80
C LYS A 302 -8.78 31.23 16.52
N LEU A 303 -7.70 32.01 16.64
CA LEU A 303 -6.94 32.49 15.49
C LEU A 303 -6.37 31.32 14.68
N ILE A 304 -5.60 30.46 15.36
CA ILE A 304 -4.84 29.40 14.69
C ILE A 304 -5.78 28.34 14.13
N GLN A 305 -6.88 28.08 14.85
CA GLN A 305 -7.87 27.05 14.50
C GLN A 305 -8.51 27.30 13.15
N ILE A 306 -8.46 28.53 12.65
CA ILE A 306 -8.95 28.84 11.32
C ILE A 306 -8.16 28.01 10.30
N SER A 307 -6.84 27.89 10.51
CA SER A 307 -5.98 27.11 9.63
C SER A 307 -5.83 25.66 10.11
N TYR A 308 -5.87 25.45 11.43
CA TYR A 308 -5.64 24.13 12.00
C TYR A 308 -6.80 23.77 12.92
N PRO A 309 -7.91 23.22 12.38
CA PRO A 309 -9.10 22.93 13.19
C PRO A 309 -8.91 21.84 14.23
N ASN A 310 -7.97 20.91 14.00
CA ASN A 310 -7.78 19.81 14.94
C ASN A 310 -6.86 20.28 16.05
N TYR A 311 -7.43 20.92 17.08
CA TYR A 311 -6.62 21.63 18.05
C TYR A 311 -7.08 21.23 19.44
N HIS A 312 -6.13 20.79 20.30
CA HIS A 312 -6.43 20.32 21.64
C HIS A 312 -5.59 21.12 22.62
N THR A 313 -6.13 21.39 23.81
CA THR A 313 -5.47 22.25 24.77
C THR A 313 -5.20 21.45 26.04
N GLY A 314 -4.26 21.95 26.86
CA GLY A 314 -3.90 21.33 28.12
C GLY A 314 -3.20 19.98 27.97
N VAL A 315 -2.49 19.76 26.84
CA VAL A 315 -1.87 18.46 26.59
C VAL A 315 -0.40 18.51 27.06
N THR A 316 -0.02 17.57 27.94
CA THR A 316 1.34 17.58 28.44
C THR A 316 2.02 16.22 28.24
N LYS A 317 1.33 15.30 27.54
CA LYS A 317 1.89 14.00 27.17
C LYS A 317 1.68 13.77 25.68
N TYR A 318 2.40 12.80 25.10
CA TYR A 318 2.22 12.48 23.69
C TYR A 318 0.91 11.71 23.57
N VAL A 319 0.13 11.97 22.50
CA VAL A 319 -1.21 11.44 22.30
C VAL A 319 -1.23 10.55 21.07
N PHE A 320 -1.72 9.31 21.21
CA PHE A 320 -1.82 8.42 20.06
C PHE A 320 -3.26 8.06 19.71
N ASP A 321 -4.24 8.49 20.54
CA ASP A 321 -5.63 8.07 20.35
C ASP A 321 -6.21 8.58 19.02
N ASP A 322 -5.95 9.84 18.68
CA ASP A 322 -6.45 10.39 17.44
C ASP A 322 -5.86 9.63 16.26
N PHE A 323 -4.55 9.37 16.34
CA PHE A 323 -3.89 8.64 15.28
C PHE A 323 -4.54 7.27 15.10
N LYS A 324 -4.78 6.58 16.23
CA LYS A 324 -5.34 5.23 16.20
C LYS A 324 -6.71 5.22 15.54
N LYS A 325 -7.52 6.27 15.77
CA LYS A 325 -8.82 6.38 15.14
C LYS A 325 -8.69 6.73 13.65
N SER A 326 -7.54 7.25 13.21
CA SER A 326 -7.36 7.64 11.81
C SER A 326 -6.98 6.43 10.96
N ASP A 327 -6.91 6.62 9.64
CA ASP A 327 -6.41 5.58 8.75
C ASP A 327 -4.97 5.87 8.31
N ALA A 328 -4.27 6.74 9.06
CA ALA A 328 -2.91 7.14 8.68
C ALA A 328 -1.96 5.94 8.80
N GLN A 329 -0.94 5.91 7.94
CA GLN A 329 0.04 4.82 7.99
C GLN A 329 1.31 5.23 8.73
N PHE A 330 1.51 6.53 8.95
CA PHE A 330 2.68 7.02 9.70
C PHE A 330 2.23 8.07 10.71
N TYR A 331 2.94 8.11 11.85
CA TYR A 331 2.84 9.16 12.83
C TYR A 331 4.13 9.99 12.81
N PHE A 332 3.97 11.31 12.62
CA PHE A 332 5.08 12.23 12.51
C PHE A 332 4.95 13.20 13.68
N LEU A 333 5.78 12.96 14.69
CA LEU A 333 5.82 13.77 15.90
C LEU A 333 6.77 14.94 15.65
N LEU A 334 6.26 16.17 15.87
CA LEU A 334 7.06 17.39 15.75
C LEU A 334 6.86 18.27 16.99
N GLU A 335 7.99 18.62 17.62
CA GLU A 335 8.06 19.53 18.74
C GLU A 335 8.31 20.95 18.24
N GLN A 336 7.65 21.92 18.89
CA GLN A 336 7.68 23.34 18.52
C GLN A 336 9.10 23.90 18.40
N ASN A 337 10.05 23.41 19.20
CA ASN A 337 11.39 23.97 19.15
C ASN A 337 12.24 23.35 18.03
N CYS A 338 11.62 22.54 17.17
CA CYS A 338 12.35 21.87 16.09
C CYS A 338 11.96 22.46 14.73
N ILE A 339 12.93 23.09 14.09
CA ILE A 339 12.67 23.86 12.88
C ILE A 339 13.18 23.06 11.68
N ILE A 340 12.24 22.61 10.85
CA ILE A 340 12.58 21.81 9.69
C ILE A 340 12.75 22.75 8.50
N THR A 341 13.88 22.61 7.79
CA THR A 341 14.18 23.46 6.67
C THR A 341 14.27 22.64 5.38
N LYS A 342 14.33 21.31 5.48
CA LYS A 342 14.39 20.49 4.28
C LYS A 342 12.97 20.09 3.85
N LYS A 343 12.43 20.74 2.81
CA LYS A 343 11.01 20.69 2.51
C LYS A 343 10.53 19.30 2.10
N ASP A 344 11.41 18.52 1.45
CA ASP A 344 11.03 17.18 1.00
C ASP A 344 11.35 16.10 2.04
N ILE A 345 11.56 16.49 3.31
CA ILE A 345 12.05 15.55 4.32
C ILE A 345 11.15 14.33 4.46
N LEU A 346 9.82 14.48 4.33
CA LEU A 346 8.97 13.34 4.60
C LEU A 346 9.14 12.26 3.53
N HIS A 347 9.30 12.67 2.27
CA HIS A 347 9.60 11.73 1.19
C HIS A 347 10.91 11.00 1.50
N GLU A 348 11.92 11.78 1.90
CA GLU A 348 13.22 11.22 2.24
C GLU A 348 13.10 10.17 3.36
N LEU A 349 12.42 10.52 4.46
CA LEU A 349 12.30 9.61 5.61
C LEU A 349 11.50 8.35 5.27
N ILE A 350 10.35 8.54 4.61
CA ILE A 350 9.49 7.40 4.31
C ILE A 350 10.24 6.38 3.46
N MET A 351 11.09 6.84 2.55
CA MET A 351 11.85 5.92 1.72
C MET A 351 12.82 5.04 2.54
N GLN A 352 13.12 5.42 3.80
CA GLN A 352 14.04 4.61 4.60
C GLN A 352 13.29 3.61 5.47
N VAL A 353 11.95 3.71 5.50
CA VAL A 353 11.16 2.88 6.39
C VAL A 353 10.95 1.51 5.73
N LYS A 354 11.59 0.48 6.29
CA LYS A 354 11.43 -0.87 5.81
C LYS A 354 12.08 -1.82 6.82
N ASP A 355 11.58 -3.05 6.87
CA ASP A 355 12.17 -4.08 7.73
C ASP A 355 12.21 -3.60 9.16
N ASN A 356 13.38 -3.62 9.80
CA ASN A 356 13.53 -3.23 11.20
C ASN A 356 13.67 -1.71 11.34
N HIS A 357 13.66 -0.96 10.24
CA HIS A 357 13.76 0.50 10.32
C HIS A 357 12.37 1.12 10.33
N ARG A 358 11.78 1.34 11.51
CA ARG A 358 10.37 1.72 11.60
C ARG A 358 10.16 3.02 12.37
N VAL A 359 11.20 3.46 13.07
CA VAL A 359 11.20 4.69 13.84
C VAL A 359 12.46 5.46 13.46
N ILE A 360 12.29 6.62 12.80
CA ILE A 360 13.40 7.33 12.19
C ILE A 360 13.31 8.81 12.51
N SER A 361 14.46 9.37 12.93
CA SER A 361 14.53 10.71 13.45
C SER A 361 15.68 11.46 12.78
N PRO A 362 15.40 12.53 12.02
CA PRO A 362 16.47 13.30 11.35
C PRO A 362 17.32 14.06 12.35
N MET A 363 18.65 13.98 12.21
CA MET A 363 19.55 14.64 13.14
C MET A 363 19.57 16.15 12.85
N ILE A 364 19.25 16.94 13.90
CA ILE A 364 19.35 18.40 13.85
C ILE A 364 20.04 18.88 15.13
N GLY A 365 20.73 20.01 15.03
CA GLY A 365 21.45 20.55 16.19
C GLY A 365 20.92 21.95 16.54
N TYR A 366 21.34 22.46 17.70
CA TYR A 366 20.96 23.80 18.08
C TYR A 366 21.57 24.81 17.11
N GLU A 367 20.77 25.80 16.73
CA GLU A 367 21.21 26.87 15.86
C GLU A 367 22.51 27.46 16.41
N GLN A 368 22.59 27.63 17.74
CA GLN A 368 23.72 28.27 18.38
CA GLN A 368 23.73 28.27 18.36
C GLN A 368 24.89 27.29 18.53
N ASN A 369 24.59 25.98 18.64
CA ASN A 369 25.60 24.97 18.89
C ASN A 369 25.20 23.65 18.22
N SER A 370 25.74 23.44 17.01
CA SER A 370 25.27 22.40 16.12
C SER A 370 25.76 21.00 16.50
N THR A 371 26.70 20.89 17.44
CA THR A 371 27.16 19.59 17.91
C THR A 371 26.24 19.02 19.01
N ARG A 372 25.34 19.86 19.53
CA ARG A 372 24.37 19.38 20.49
C ARG A 372 23.07 19.10 19.73
N THR A 373 22.64 17.83 19.71
CA THR A 373 21.65 17.40 18.72
C THR A 373 20.42 16.80 19.39
N ASN A 374 19.48 16.29 18.57
CA ASN A 374 18.25 15.69 19.06
C ASN A 374 18.39 14.17 19.21
N PHE A 375 19.62 13.66 19.38
CA PHE A 375 19.74 12.24 19.68
C PHE A 375 20.83 12.05 20.73
N TRP A 376 20.80 10.91 21.43
CA TRP A 376 21.88 10.53 22.31
C TRP A 376 22.49 9.26 21.77
N GLY A 377 23.82 9.20 21.72
CA GLY A 377 24.49 8.03 21.19
C GLY A 377 24.60 6.91 22.24
N ASP A 378 24.50 7.29 23.52
CA ASP A 378 24.61 6.32 24.61
C ASP A 378 23.79 6.87 25.76
N ILE A 379 23.55 6.02 26.75
CA ILE A 379 22.68 6.35 27.85
C ILE A 379 23.29 5.71 29.11
N GLU A 380 23.21 6.44 30.22
CA GLU A 380 23.69 5.91 31.48
C GLU A 380 22.70 6.37 32.55
N ASP A 381 22.19 5.39 33.31
CA ASP A 381 21.12 5.59 34.28
C ASP A 381 20.05 6.51 33.71
N GLY A 382 19.66 6.26 32.45
CA GLY A 382 18.53 6.99 31.90
C GLY A 382 18.88 8.28 31.17
N TYR A 383 20.11 8.79 31.34
CA TYR A 383 20.44 10.10 30.79
C TYR A 383 21.58 10.03 29.76
N TYR A 384 21.80 11.14 29.04
CA TYR A 384 22.76 11.26 27.93
C TYR A 384 24.14 10.80 28.36
N LYS A 385 24.79 9.96 27.54
CA LYS A 385 26.21 9.70 27.70
C LYS A 385 26.87 9.84 26.33
N ARG A 386 28.09 10.40 26.28
CA ARG A 386 28.78 10.59 25.00
C ARG A 386 29.27 9.22 24.51
N SER A 387 28.83 8.82 23.30
CA SER A 387 29.28 7.54 22.75
C SER A 387 30.59 7.76 22.00
N GLU A 388 31.17 6.63 21.57
CA GLU A 388 32.48 6.60 20.92
C GLU A 388 32.44 7.40 19.60
N ASN A 389 31.30 7.33 18.88
CA ASN A 389 31.18 7.95 17.55
C ASN A 389 30.28 9.19 17.57
N TYR A 390 29.89 9.70 18.75
CA TYR A 390 28.88 10.76 18.80
C TYR A 390 29.31 11.97 17.97
N LEU A 391 30.56 12.42 18.20
CA LEU A 391 31.01 13.65 17.55
C LEU A 391 31.16 13.44 16.06
N ASP A 392 31.58 12.24 15.66
CA ASP A 392 31.64 11.89 14.26
C ASP A 392 30.26 12.03 13.60
N LEU A 393 29.23 11.51 14.26
CA LEU A 393 27.88 11.58 13.70
C LEU A 393 27.40 13.04 13.63
N ALA A 394 27.62 13.79 14.73
CA ALA A 394 27.15 15.16 14.83
C ALA A 394 27.79 16.08 13.80
N LYS A 395 29.03 15.77 13.41
CA LYS A 395 29.77 16.57 12.42
C LYS A 395 29.70 15.91 11.04
N HIS A 396 28.88 14.85 10.88
CA HIS A 396 28.71 14.20 9.59
C HIS A 396 30.02 13.67 8.98
N LYS A 397 30.95 13.21 9.83
CA LYS A 397 32.12 12.49 9.35
C LYS A 397 31.72 11.18 8.66
N VAL A 398 30.63 10.55 9.14
CA VAL A 398 30.01 9.42 8.48
C VAL A 398 28.50 9.65 8.51
N ARG A 399 27.79 9.07 7.55
CA ARG A 399 26.36 9.35 7.41
C ARG A 399 25.63 8.02 7.20
N GLY A 400 24.36 7.99 7.62
CA GLY A 400 23.46 6.87 7.36
C GLY A 400 22.41 6.78 8.46
N LEU A 401 22.02 5.54 8.78
N LEU A 401 22.02 5.54 8.78
CA LEU A 401 21.06 5.22 9.83
CA LEU A 401 21.07 5.23 9.85
C LEU A 401 21.82 4.62 11.02
C LEU A 401 21.82 4.62 11.02
N TRP A 402 21.50 5.11 12.22
CA TRP A 402 22.22 4.76 13.43
C TRP A 402 21.24 4.37 14.54
N ASN A 403 21.44 3.18 15.10
CA ASN A 403 20.55 2.62 16.12
C ASN A 403 20.94 3.26 17.46
N VAL A 404 20.07 4.08 18.04
CA VAL A 404 20.47 4.88 19.20
C VAL A 404 19.42 4.73 20.30
N PRO A 405 19.78 5.00 21.58
CA PRO A 405 18.82 4.85 22.68
C PRO A 405 17.77 5.96 22.86
N TYR A 406 17.98 7.11 22.23
CA TYR A 406 17.08 8.24 22.41
C TYR A 406 17.12 9.14 21.17
N VAL A 407 15.93 9.49 20.70
CA VAL A 407 15.75 10.54 19.70
C VAL A 407 14.67 11.50 20.19
N TYR A 408 14.68 12.74 19.66
CA TYR A 408 13.79 13.77 20.20
C TYR A 408 13.24 14.60 19.05
N GLY A 409 11.95 14.97 19.13
CA GLY A 409 11.47 16.24 18.58
C GLY A 409 11.00 16.17 17.11
N VAL A 410 11.66 15.34 16.30
CA VAL A 410 11.22 15.07 14.94
C VAL A 410 11.35 13.55 14.76
N ILE A 411 10.21 12.84 14.76
CA ILE A 411 10.24 11.38 14.76
C ILE A 411 9.16 10.87 13.83
N LEU A 412 9.55 10.05 12.85
CA LEU A 412 8.58 9.36 12.01
C LEU A 412 8.45 7.93 12.50
N MET A 413 7.21 7.47 12.69
CA MET A 413 6.97 6.12 13.20
C MET A 413 5.91 5.44 12.34
N HIS A 414 6.26 4.26 11.82
CA HIS A 414 5.32 3.44 11.08
C HIS A 414 4.16 2.98 11.96
N GLU A 415 2.97 2.80 11.34
CA GLU A 415 1.78 2.41 12.08
C GLU A 415 1.94 1.06 12.81
N SER A 416 2.73 0.15 12.25
CA SER A 416 2.93 -1.15 12.90
C SER A 416 3.54 -1.00 14.29
N VAL A 417 4.29 0.10 14.53
CA VAL A 417 4.78 0.37 15.87
C VAL A 417 3.66 0.98 16.72
N VAL A 418 3.06 2.06 16.21
CA VAL A 418 2.15 2.86 17.03
C VAL A 418 0.87 2.08 17.32
N ARG A 419 0.40 1.28 16.36
CA ARG A 419 -0.87 0.59 16.54
C ARG A 419 -0.74 -0.65 17.43
N ASN A 420 0.47 -1.20 17.59
CA ASN A 420 0.59 -2.53 18.19
C ASN A 420 1.29 -2.54 19.53
N TRP A 421 1.83 -1.39 19.99
CA TRP A 421 2.70 -1.43 21.16
C TRP A 421 2.37 -0.29 22.11
N ASP A 422 2.64 -0.49 23.40
CA ASP A 422 2.35 0.53 24.38
C ASP A 422 3.49 1.55 24.42
N LEU A 423 3.22 2.77 23.93
CA LEU A 423 4.26 3.79 23.81
C LEU A 423 4.10 4.80 24.94
N SER A 424 3.22 4.50 25.91
CA SER A 424 2.89 5.47 26.94
C SER A 424 3.33 5.00 28.32
N MET A 425 4.36 4.14 28.38
CA MET A 425 4.87 3.65 29.66
C MET A 425 5.64 4.79 30.34
N VAL A 426 5.67 4.77 31.67
CA VAL A 426 6.21 5.89 32.39
C VAL A 426 7.32 5.41 33.32
N LYS A 427 8.47 6.08 33.23
CA LYS A 427 9.56 5.83 34.17
C LYS A 427 10.15 7.15 34.62
N TYR A 428 10.21 8.13 33.71
CA TYR A 428 10.96 9.36 33.96
C TYR A 428 10.03 10.54 34.19
N ASN A 429 8.74 10.38 33.86
CA ASN A 429 7.77 11.47 33.95
C ASN A 429 8.23 12.63 33.06
N ASP A 430 8.64 12.28 31.85
CA ASP A 430 9.15 13.23 30.89
C ASP A 430 8.75 12.66 29.53
N LYS A 431 7.98 13.41 28.75
CA LYS A 431 7.27 12.77 27.65
C LYS A 431 8.26 12.19 26.64
N ASP A 432 9.31 12.94 26.32
CA ASP A 432 10.22 12.47 25.26
C ASP A 432 11.08 11.32 25.79
N MET A 433 11.55 11.42 27.04
CA MET A 433 12.34 10.32 27.61
C MET A 433 11.49 9.05 27.75
N ASP A 434 10.20 9.20 28.07
CA ASP A 434 9.34 8.04 28.31
C ASP A 434 8.95 7.34 27.00
N LEU A 435 8.80 8.14 25.93
CA LEU A 435 8.58 7.53 24.63
C LEU A 435 9.76 6.61 24.29
N CYS A 436 10.99 7.12 24.47
CA CYS A 436 12.17 6.33 24.08
C CYS A 436 12.33 5.13 25.01
N PHE A 437 12.02 5.33 26.30
CA PHE A 437 12.03 4.24 27.26
C PHE A 437 11.11 3.10 26.81
N SER A 438 9.90 3.46 26.37
CA SER A 438 8.89 2.49 25.94
C SER A 438 9.41 1.70 24.75
N LEU A 439 9.99 2.42 23.77
CA LEU A 439 10.50 1.77 22.57
C LEU A 439 11.60 0.78 22.97
N ARG A 440 12.57 1.25 23.77
CA ARG A 440 13.65 0.40 24.27
C ARG A 440 13.11 -0.88 24.92
N LYS A 441 12.10 -0.73 25.78
CA LYS A 441 11.53 -1.89 26.48
C LYS A 441 10.95 -2.92 25.52
N HIS A 442 10.41 -2.48 24.39
CA HIS A 442 9.74 -3.39 23.47
C HIS A 442 10.69 -3.93 22.41
N THR A 443 11.97 -3.55 22.47
CA THR A 443 12.92 -3.88 21.40
C THR A 443 12.41 -3.32 20.07
N ILE A 444 11.90 -2.09 20.12
CA ILE A 444 11.66 -1.31 18.91
C ILE A 444 12.81 -0.31 18.83
N PHE A 445 13.50 -0.30 17.68
CA PHE A 445 14.73 0.48 17.59
C PHE A 445 14.39 1.90 17.14
N MET A 446 15.19 2.87 17.60
CA MET A 446 15.14 4.23 17.11
C MET A 446 16.36 4.47 16.22
N TYR A 447 16.12 4.95 15.00
CA TYR A 447 17.22 5.22 14.08
C TYR A 447 17.35 6.71 13.85
N MET A 448 18.52 7.26 14.24
CA MET A 448 18.88 8.60 13.84
C MET A 448 19.35 8.53 12.39
N ILE A 449 18.94 9.52 11.59
CA ILE A 449 19.44 9.60 10.21
C ILE A 449 20.12 10.96 10.00
N ASN A 450 21.31 10.95 9.38
CA ASN A 450 22.05 12.21 9.23
C ASN A 450 22.52 12.37 7.78
N ASN A 451 21.67 12.00 6.82
CA ASN A 451 22.09 11.92 5.42
C ASN A 451 22.13 13.29 4.76
N ASN A 452 21.40 14.26 5.32
CA ASN A 452 21.27 15.58 4.72
C ASN A 452 21.18 16.64 5.81
N ASN A 453 21.12 17.91 5.40
CA ASN A 453 20.88 19.02 6.30
C ASN A 453 19.36 19.21 6.44
N TYR A 454 18.81 18.93 7.62
CA TYR A 454 17.36 18.83 7.77
C TYR A 454 16.75 20.04 8.47
N GLY A 455 17.54 20.73 9.28
CA GLY A 455 16.91 21.74 10.13
C GLY A 455 17.78 22.07 11.33
N TYR A 456 17.17 22.63 12.38
CA TYR A 456 17.94 22.96 13.57
C TYR A 456 16.94 23.10 14.72
N MET A 457 17.43 23.15 15.95
CA MET A 457 16.56 23.39 17.08
C MET A 457 16.80 24.79 17.64
N VAL A 458 15.80 25.34 18.32
CA VAL A 458 15.93 26.65 18.94
C VAL A 458 15.70 26.49 20.45
N ASN B 12 -41.60 4.23 -35.07
CA ASN B 12 -40.28 3.68 -35.49
C ASN B 12 -39.18 4.69 -35.17
N LEU B 13 -38.06 4.17 -34.65
CA LEU B 13 -36.98 5.01 -34.19
C LEU B 13 -35.65 4.28 -34.35
N LEU B 14 -34.63 5.02 -34.78
CA LEU B 14 -33.28 4.50 -34.89
C LEU B 14 -32.31 5.46 -34.18
N VAL B 15 -31.44 4.89 -33.32
CA VAL B 15 -30.46 5.69 -32.59
C VAL B 15 -29.10 5.50 -33.26
N LEU B 16 -28.50 6.62 -33.71
CA LEU B 16 -27.17 6.66 -34.28
C LEU B 16 -26.20 7.13 -33.19
N GLY B 17 -25.49 6.17 -32.61
CA GLY B 17 -24.49 6.49 -31.60
C GLY B 17 -23.12 6.59 -32.24
N ILE B 18 -22.44 7.70 -31.97
CA ILE B 18 -21.10 7.92 -32.50
C ILE B 18 -20.10 7.13 -31.64
N GLY B 19 -19.37 6.21 -32.30
CA GLY B 19 -18.37 5.43 -31.58
C GLY B 19 -17.23 5.02 -32.51
N ILE B 20 -16.39 5.99 -32.85
CA ILE B 20 -15.41 5.80 -33.90
C ILE B 20 -14.12 5.28 -33.26
N SER B 21 -13.83 4.00 -33.47
CA SER B 21 -12.71 3.36 -32.81
C SER B 21 -12.52 2.01 -33.46
N VAL B 22 -11.27 1.53 -33.54
CA VAL B 22 -10.99 0.20 -34.06
C VAL B 22 -11.57 -0.85 -33.11
N HIS B 23 -11.36 -0.67 -31.80
CA HIS B 23 -11.93 -1.61 -30.86
C HIS B 23 -12.90 -0.89 -29.93
N LYS B 24 -13.89 -1.64 -29.43
CA LYS B 24 -14.95 -1.05 -28.63
C LYS B 24 -14.45 -0.68 -27.23
N THR B 25 -14.80 0.54 -26.80
CA THR B 25 -14.59 0.96 -25.42
C THR B 25 -15.70 0.42 -24.53
N ASP B 26 -15.49 0.44 -23.19
CA ASP B 26 -16.59 0.13 -22.30
C ASP B 26 -17.70 1.16 -22.39
N GLY B 27 -17.38 2.43 -22.73
CA GLY B 27 -18.45 3.43 -22.89
C GLY B 27 -19.46 2.95 -23.94
N VAL B 28 -18.93 2.49 -25.09
CA VAL B 28 -19.83 2.11 -26.17
C VAL B 28 -20.53 0.78 -25.82
N LEU B 29 -19.83 -0.14 -25.17
CA LEU B 29 -20.44 -1.39 -24.72
C LEU B 29 -21.59 -1.11 -23.78
N ARG B 30 -21.39 -0.16 -22.85
CA ARG B 30 -22.46 0.16 -21.91
C ARG B 30 -23.64 0.81 -22.64
N PHE B 31 -23.34 1.72 -23.55
CA PHE B 31 -24.36 2.37 -24.38
C PHE B 31 -25.19 1.28 -25.07
N GLU B 32 -24.51 0.30 -25.69
CA GLU B 32 -25.20 -0.76 -26.40
C GLU B 32 -26.08 -1.57 -25.46
N LYS B 33 -25.59 -1.94 -24.27
CA LYS B 33 -26.36 -2.74 -23.33
C LYS B 33 -27.62 -1.98 -22.91
N TYR B 34 -27.50 -0.67 -22.67
CA TYR B 34 -28.65 0.11 -22.23
C TYR B 34 -29.64 0.28 -23.39
N CYS B 35 -29.14 0.48 -24.62
CA CYS B 35 -30.02 0.46 -25.78
C CYS B 35 -30.83 -0.84 -25.84
N GLN B 36 -30.16 -1.99 -25.69
CA GLN B 36 -30.83 -3.28 -25.80
C GLN B 36 -31.84 -3.44 -24.67
N ALA B 37 -31.48 -2.97 -23.47
CA ALA B 37 -32.38 -3.12 -22.33
C ALA B 37 -33.68 -2.31 -22.54
N HIS B 38 -33.63 -1.22 -23.31
CA HIS B 38 -34.82 -0.40 -23.50
C HIS B 38 -35.43 -0.59 -24.89
N ASN B 39 -35.04 -1.67 -25.59
CA ASN B 39 -35.59 -2.02 -26.89
C ASN B 39 -35.43 -0.88 -27.89
N LEU B 40 -34.27 -0.21 -27.86
CA LEU B 40 -33.94 0.83 -28.82
C LEU B 40 -33.12 0.21 -29.94
N GLN B 41 -33.61 0.40 -31.18
CA GLN B 41 -32.83 0.02 -32.34
C GLN B 41 -31.70 1.01 -32.52
N TYR B 42 -30.48 0.54 -32.77
CA TYR B 42 -29.35 1.46 -32.84
C TYR B 42 -28.33 1.00 -33.86
N MET B 43 -27.46 1.91 -34.26
CA MET B 43 -26.27 1.52 -34.99
C MET B 43 -25.13 2.39 -34.49
N ILE B 44 -23.94 1.80 -34.40
CA ILE B 44 -22.77 2.55 -33.97
C ILE B 44 -22.08 3.14 -35.19
N VAL B 45 -22.13 4.46 -35.31
CA VAL B 45 -21.47 5.16 -36.40
C VAL B 45 -19.97 5.15 -36.17
N GLY B 46 -19.23 4.57 -37.13
CA GLY B 46 -17.77 4.66 -37.07
C GLY B 46 -17.15 3.42 -36.43
N GLU B 47 -17.97 2.42 -36.11
CA GLU B 47 -17.54 1.21 -35.45
C GLU B 47 -16.44 0.55 -36.29
N GLY B 48 -15.32 0.20 -35.67
CA GLY B 48 -14.25 -0.53 -36.34
C GLY B 48 -13.31 0.39 -37.13
N LYS B 49 -13.61 1.70 -37.19
CA LYS B 49 -12.75 2.64 -37.91
C LYS B 49 -11.85 3.37 -36.93
N LYS B 50 -10.67 3.78 -37.40
CA LYS B 50 -9.67 4.47 -36.59
C LYS B 50 -10.09 5.92 -36.34
N TRP B 51 -9.86 6.41 -35.12
CA TRP B 51 -10.09 7.80 -34.80
C TRP B 51 -8.81 8.61 -35.10
N ASN B 52 -8.96 9.76 -35.76
CA ASN B 52 -7.81 10.55 -36.21
C ASN B 52 -7.62 11.80 -35.36
N GLY B 53 -7.18 11.58 -34.12
CA GLY B 53 -6.78 12.66 -33.21
C GLY B 53 -7.98 13.40 -32.66
N GLN B 64 -14.01 14.39 -39.13
CA GLN B 64 -14.15 12.92 -39.26
C GLN B 64 -15.49 12.49 -38.65
N LYS B 65 -15.89 13.14 -37.56
CA LYS B 65 -17.12 12.76 -36.88
C LYS B 65 -18.31 13.01 -37.80
N ILE B 66 -18.34 14.22 -38.38
CA ILE B 66 -19.44 14.59 -39.26
C ILE B 66 -19.36 13.78 -40.55
N ASN B 67 -18.13 13.48 -41.03
CA ASN B 67 -17.94 12.69 -42.22
C ASN B 67 -18.52 11.29 -42.03
N GLU B 68 -18.29 10.68 -40.85
CA GLU B 68 -18.79 9.34 -40.57
C GLU B 68 -20.30 9.36 -40.42
N LEU B 69 -20.84 10.43 -39.82
CA LEU B 69 -22.27 10.54 -39.66
C LEU B 69 -22.94 10.63 -41.04
N LEU B 70 -22.32 11.41 -41.93
CA LEU B 70 -22.86 11.56 -43.28
C LEU B 70 -22.97 10.20 -43.95
N ILE B 71 -21.90 9.39 -43.84
CA ILE B 71 -21.91 8.05 -44.40
C ILE B 71 -23.06 7.24 -43.82
N ALA B 72 -23.26 7.32 -42.50
CA ALA B 72 -24.33 6.58 -41.86
C ALA B 72 -25.69 7.03 -42.38
N LEU B 73 -25.89 8.35 -42.51
CA LEU B 73 -27.17 8.87 -42.97
C LEU B 73 -27.47 8.42 -44.41
N GLU B 74 -26.39 8.32 -45.23
CA GLU B 74 -26.49 7.93 -46.63
C GLU B 74 -26.99 6.49 -46.78
N SER B 75 -26.86 5.65 -45.74
CA SER B 75 -27.29 4.27 -45.84
C SER B 75 -28.68 4.06 -45.25
N ILE B 76 -29.31 5.16 -44.82
CA ILE B 76 -30.70 5.15 -44.40
C ILE B 76 -31.48 5.90 -45.47
N LYS B 77 -32.26 5.14 -46.24
CA LYS B 77 -32.90 5.71 -47.42
C LYS B 77 -34.25 6.33 -47.05
N ASP B 78 -35.08 5.60 -46.32
CA ASP B 78 -36.34 6.15 -45.83
C ASP B 78 -36.09 7.33 -44.88
N ASN B 79 -37.10 8.16 -44.70
CA ASN B 79 -37.02 9.35 -43.88
C ASN B 79 -37.35 9.00 -42.43
N LYS B 80 -36.45 8.23 -41.79
CA LYS B 80 -36.64 7.72 -40.44
C LYS B 80 -36.44 8.84 -39.40
N LEU B 81 -37.17 8.71 -38.29
CA LEU B 81 -36.91 9.55 -37.12
C LEU B 81 -35.69 8.96 -36.41
N ILE B 82 -34.68 9.79 -36.18
CA ILE B 82 -33.43 9.28 -35.64
C ILE B 82 -32.98 10.14 -34.44
N VAL B 83 -32.29 9.48 -33.51
CA VAL B 83 -31.52 10.19 -32.51
C VAL B 83 -30.06 10.07 -32.92
N VAL B 84 -29.30 11.16 -32.79
CA VAL B 84 -27.86 11.13 -32.96
C VAL B 84 -27.20 11.55 -31.65
N CYS B 85 -26.31 10.71 -31.10
CA CYS B 85 -25.77 11.01 -29.78
C CYS B 85 -24.37 10.40 -29.58
N ASP B 86 -23.60 11.00 -28.66
CA ASP B 86 -22.38 10.42 -28.09
C ASP B 86 -22.68 9.05 -27.48
N THR B 87 -21.64 8.22 -27.32
CA THR B 87 -21.85 6.90 -26.74
C THR B 87 -20.90 6.65 -25.57
N TYR B 88 -19.75 7.33 -25.55
CA TYR B 88 -18.74 6.95 -24.57
C TYR B 88 -19.19 7.33 -23.16
N ASP B 89 -20.00 8.39 -23.08
CA ASP B 89 -20.35 9.01 -21.81
C ASP B 89 -21.86 9.22 -21.75
N LEU B 90 -22.64 8.31 -22.33
CA LEU B 90 -24.08 8.56 -22.45
C LEU B 90 -24.84 7.24 -22.41
N ILE B 91 -25.98 7.21 -21.71
CA ILE B 91 -26.82 6.02 -21.75
C ILE B 91 -28.27 6.43 -21.88
N PRO B 92 -29.11 5.66 -22.63
CA PRO B 92 -30.57 5.83 -22.55
C PRO B 92 -31.15 5.17 -21.31
N LEU B 93 -32.22 5.76 -20.74
CA LEU B 93 -32.86 5.22 -19.55
C LEU B 93 -34.34 4.90 -19.79
N SER B 94 -34.79 5.12 -21.03
CA SER B 94 -36.15 4.75 -21.41
C SER B 94 -36.16 4.26 -22.86
N GLY B 95 -37.35 3.80 -23.29
CA GLY B 95 -37.54 3.16 -24.57
C GLY B 95 -38.16 4.08 -25.61
N PRO B 96 -38.48 3.55 -26.81
CA PRO B 96 -38.97 4.39 -27.91
C PRO B 96 -40.28 5.11 -27.65
N GLU B 97 -41.20 4.49 -26.87
CA GLU B 97 -42.52 5.06 -26.70
C GLU B 97 -42.41 6.40 -25.99
N GLU B 98 -41.62 6.42 -24.91
CA GLU B 98 -41.43 7.65 -24.15
C GLU B 98 -40.75 8.71 -25.02
N ILE B 99 -39.73 8.29 -25.78
CA ILE B 99 -38.98 9.20 -26.63
C ILE B 99 -39.93 9.82 -27.66
N LEU B 100 -40.75 8.99 -28.30
CA LEU B 100 -41.65 9.50 -29.33
C LEU B 100 -42.68 10.48 -28.74
N ARG B 101 -43.25 10.16 -27.58
CA ARG B 101 -44.23 11.05 -26.98
C ARG B 101 -43.59 12.41 -26.70
N LYS B 102 -42.38 12.40 -26.14
CA LYS B 102 -41.72 13.65 -25.80
C LYS B 102 -41.38 14.45 -27.06
N TYR B 103 -40.91 13.74 -28.10
CA TYR B 103 -40.51 14.43 -29.32
C TYR B 103 -41.72 15.16 -29.91
N ARG B 104 -42.86 14.47 -29.95
CA ARG B 104 -44.07 15.02 -30.54
C ARG B 104 -44.55 16.23 -29.75
N PHE B 105 -44.42 16.17 -28.42
CA PHE B 105 -44.76 17.31 -27.57
C PHE B 105 -43.80 18.47 -27.79
N LEU B 106 -42.49 18.16 -27.90
CA LEU B 106 -41.51 19.23 -27.96
C LEU B 106 -41.58 19.96 -29.31
N THR B 107 -41.91 19.25 -30.38
CA THR B 107 -41.91 19.87 -31.71
C THR B 107 -43.06 19.30 -32.55
N PRO B 108 -44.25 19.93 -32.47
CA PRO B 108 -45.36 19.52 -33.34
C PRO B 108 -45.03 19.64 -34.83
N ASP B 109 -44.12 20.58 -35.16
CA ASP B 109 -43.64 20.86 -36.51
C ASP B 109 -42.54 19.90 -36.98
N ASN B 110 -42.14 18.93 -36.14
CA ASN B 110 -41.15 17.94 -36.53
C ASN B 110 -39.82 18.58 -36.89
N LYS B 111 -39.38 19.55 -36.08
CA LYS B 111 -38.04 20.11 -36.22
C LYS B 111 -37.01 19.18 -35.59
N VAL B 112 -35.74 19.64 -35.56
CA VAL B 112 -34.65 18.89 -34.95
C VAL B 112 -34.50 19.40 -33.52
N VAL B 113 -34.63 18.49 -32.53
CA VAL B 113 -34.51 18.91 -31.14
C VAL B 113 -33.07 18.63 -30.69
N PHE B 114 -32.42 19.66 -30.11
CA PHE B 114 -31.08 19.51 -29.55
C PHE B 114 -31.14 19.57 -28.03
N SER B 115 -30.18 18.88 -27.41
CA SER B 115 -29.92 18.99 -25.99
C SER B 115 -29.62 20.44 -25.62
N SER B 116 -30.06 20.86 -24.43
CA SER B 116 -29.61 22.12 -23.84
C SER B 116 -28.47 21.85 -22.86
N GLU B 117 -27.80 22.93 -22.45
CA GLU B 117 -26.73 22.84 -21.45
C GLU B 117 -26.49 24.21 -20.83
N LEU B 118 -25.66 24.24 -19.78
CA LEU B 118 -25.43 25.42 -18.96
C LEU B 118 -24.49 26.41 -19.65
N TYR B 119 -23.65 25.94 -20.59
CA TYR B 119 -22.54 26.77 -21.07
C TYR B 119 -22.56 26.98 -22.57
N CYS B 120 -22.04 28.14 -22.98
CA CYS B 120 -22.02 28.58 -24.37
C CYS B 120 -20.61 28.38 -24.90
N TRP B 121 -20.39 27.31 -25.69
CA TRP B 121 -19.06 26.97 -26.16
C TRP B 121 -19.14 26.46 -27.60
N PRO B 122 -18.06 26.57 -28.43
CA PRO B 122 -16.77 27.14 -28.03
C PRO B 122 -16.61 28.67 -28.13
N ASP B 123 -17.66 29.35 -28.59
CA ASP B 123 -17.61 30.77 -28.88
C ASP B 123 -18.45 31.53 -27.85
N ALA B 124 -17.78 32.06 -26.82
CA ALA B 124 -18.42 32.76 -25.71
C ALA B 124 -19.23 33.98 -26.17
N SER B 125 -18.97 34.44 -27.41
CA SER B 125 -19.58 35.69 -27.84
C SER B 125 -20.96 35.44 -28.45
N LEU B 126 -21.36 34.17 -28.55
CA LEU B 126 -22.70 33.82 -29.01
C LEU B 126 -23.73 34.07 -27.89
N VAL B 127 -23.25 34.39 -26.69
CA VAL B 127 -24.14 34.59 -25.55
C VAL B 127 -25.22 35.61 -25.92
N GLU B 128 -24.79 36.71 -26.56
CA GLU B 128 -25.67 37.83 -26.87
C GLU B 128 -26.60 37.49 -28.03
N ARG B 129 -26.30 36.41 -28.75
CA ARG B 129 -27.09 36.06 -29.90
C ARG B 129 -28.18 35.02 -29.57
N TYR B 130 -28.04 34.33 -28.42
CA TYR B 130 -28.99 33.28 -28.11
C TYR B 130 -30.34 33.87 -27.69
N PRO B 131 -31.47 33.20 -28.00
CA PRO B 131 -32.79 33.58 -27.48
C PRO B 131 -32.78 33.70 -25.96
N LYS B 132 -33.45 34.74 -25.42
CA LYS B 132 -33.50 34.98 -23.99
C LYS B 132 -34.52 34.02 -23.37
N VAL B 133 -34.17 33.44 -22.21
CA VAL B 133 -34.99 32.39 -21.60
C VAL B 133 -34.85 32.48 -20.09
N ASP B 134 -35.89 32.04 -19.38
CA ASP B 134 -35.84 32.06 -17.92
C ASP B 134 -34.74 31.16 -17.38
N THR B 135 -34.61 29.99 -17.98
CA THR B 135 -33.84 28.89 -17.40
C THR B 135 -32.33 29.14 -17.49
N LYS B 136 -31.58 28.45 -16.64
CA LYS B 136 -30.13 28.37 -16.74
C LYS B 136 -29.68 27.43 -17.87
N TYR B 137 -30.58 26.57 -18.37
CA TYR B 137 -30.27 25.69 -19.50
C TYR B 137 -30.40 26.45 -20.83
N LYS B 138 -29.48 27.38 -21.12
CA LYS B 138 -29.72 28.38 -22.17
C LYS B 138 -29.14 27.95 -23.53
N TYR B 139 -28.15 27.06 -23.54
CA TYR B 139 -27.32 26.88 -24.75
C TYR B 139 -27.43 25.49 -25.36
N LEU B 140 -26.95 25.38 -26.60
CA LEU B 140 -27.03 24.13 -27.33
C LEU B 140 -25.87 23.20 -26.94
N ASN B 141 -26.16 21.90 -26.90
CA ASN B 141 -25.14 20.87 -26.76
C ASN B 141 -25.33 19.86 -27.88
N SER B 142 -24.28 19.68 -28.70
CA SER B 142 -24.42 18.87 -29.91
C SER B 142 -24.22 17.37 -29.67
N GLY B 143 -24.04 16.95 -28.41
CA GLY B 143 -23.79 15.54 -28.12
C GLY B 143 -25.05 14.68 -28.12
N ALA B 144 -26.25 15.30 -28.29
CA ALA B 144 -27.47 14.54 -28.45
C ALA B 144 -28.54 15.40 -29.13
N PHE B 145 -29.18 14.84 -30.15
CA PHE B 145 -30.26 15.53 -30.87
C PHE B 145 -31.12 14.50 -31.57
N MET B 146 -32.31 14.94 -32.01
CA MET B 146 -33.31 14.06 -32.56
C MET B 146 -34.10 14.80 -33.65
N GLY B 147 -34.35 14.11 -34.77
CA GLY B 147 -35.16 14.66 -35.85
C GLY B 147 -35.26 13.68 -37.02
N TYR B 148 -35.91 14.11 -38.12
CA TYR B 148 -36.02 13.26 -39.31
C TYR B 148 -34.67 13.23 -40.06
N ARG B 149 -34.34 12.04 -40.58
CA ARG B 149 -33.12 11.78 -41.34
C ARG B 149 -32.92 12.85 -42.42
N ASP B 150 -33.98 13.17 -43.17
CA ASP B 150 -33.84 14.09 -44.30
C ASP B 150 -33.41 15.47 -43.83
N ASP B 151 -34.03 15.94 -42.74
CA ASP B 151 -33.73 17.26 -42.21
C ASP B 151 -32.29 17.33 -41.75
N ILE B 152 -31.85 16.28 -41.06
CA ILE B 152 -30.53 16.30 -40.46
C ILE B 152 -29.50 16.22 -41.58
N TYR B 153 -29.71 15.28 -42.50
CA TYR B 153 -28.85 15.13 -43.67
C TYR B 153 -28.74 16.46 -44.43
N GLU B 154 -29.89 17.08 -44.73
CA GLU B 154 -29.95 18.33 -45.48
C GLU B 154 -29.04 19.36 -44.81
N MET B 155 -29.11 19.44 -43.47
CA MET B 155 -28.43 20.47 -42.74
C MET B 155 -26.91 20.24 -42.76
N ILE B 156 -26.48 18.97 -42.79
CA ILE B 156 -25.07 18.68 -42.64
C ILE B 156 -24.41 18.62 -44.02
N LYS B 157 -25.09 17.97 -44.99
CA LYS B 157 -24.54 17.80 -46.34
C LYS B 157 -24.13 19.15 -46.94
N ASN B 158 -24.89 20.22 -46.65
CA ASN B 158 -24.65 21.51 -47.26
C ASN B 158 -23.98 22.49 -46.28
N GLY B 159 -23.21 21.95 -45.33
CA GLY B 159 -22.46 22.80 -44.41
C GLY B 159 -21.09 22.23 -44.12
N ASP B 164 -16.77 20.66 -39.43
CA ASP B 164 -15.46 20.49 -38.73
C ASP B 164 -15.63 20.68 -37.22
N ASP B 165 -16.12 21.86 -36.79
CA ASP B 165 -16.53 22.05 -35.40
C ASP B 165 -18.04 21.88 -35.28
N ASP B 166 -18.51 20.68 -34.93
CA ASP B 166 -19.91 20.33 -35.03
C ASP B 166 -20.73 21.12 -34.01
N GLN B 167 -20.15 21.35 -32.82
CA GLN B 167 -20.78 22.14 -31.75
C GLN B 167 -21.05 23.57 -32.21
N LEU B 168 -20.02 24.23 -32.77
CA LEU B 168 -20.19 25.60 -33.24
C LEU B 168 -21.21 25.64 -34.37
N PHE B 169 -21.07 24.68 -35.30
CA PHE B 169 -21.90 24.62 -36.49
C PHE B 169 -23.37 24.62 -36.07
N PHE B 170 -23.73 23.73 -35.14
CA PHE B 170 -25.13 23.56 -34.78
C PHE B 170 -25.63 24.73 -33.94
N SER B 171 -24.73 25.33 -33.14
CA SER B 171 -25.08 26.50 -32.36
C SER B 171 -25.52 27.64 -33.29
N ILE B 172 -24.72 27.90 -34.32
CA ILE B 172 -25.00 28.92 -35.33
C ILE B 172 -26.32 28.59 -35.99
N LYS B 173 -26.48 27.33 -36.43
CA LYS B 173 -27.71 26.91 -37.07
C LYS B 173 -28.90 27.28 -36.20
N PHE B 174 -28.74 27.12 -34.89
CA PHE B 174 -29.88 27.30 -33.99
C PHE B 174 -30.24 28.79 -33.89
N ILE B 175 -29.22 29.64 -33.77
CA ILE B 175 -29.37 31.08 -33.66
C ILE B 175 -29.93 31.68 -34.96
N GLU B 176 -29.53 31.12 -36.11
CA GLU B 176 -29.70 31.82 -37.38
C GLU B 176 -30.83 31.24 -38.22
N THR B 177 -31.30 30.03 -37.90
CA THR B 177 -32.42 29.46 -38.62
C THR B 177 -33.58 29.20 -37.65
N ASP B 178 -34.60 28.49 -38.14
CA ASP B 178 -35.72 28.04 -37.33
C ASP B 178 -35.78 26.51 -37.41
N LYS B 179 -34.64 25.88 -37.70
CA LYS B 179 -34.61 24.45 -37.97
C LYS B 179 -34.55 23.64 -36.67
N ILE B 180 -34.10 24.28 -35.59
CA ILE B 180 -33.78 23.58 -34.35
C ILE B 180 -34.61 24.11 -33.18
N VAL B 181 -35.04 23.21 -32.29
CA VAL B 181 -35.62 23.57 -31.00
C VAL B 181 -34.72 23.01 -29.89
N LEU B 182 -34.46 23.81 -28.85
CA LEU B 182 -33.72 23.33 -27.70
C LEU B 182 -34.65 22.66 -26.69
N ASP B 183 -34.13 21.61 -26.06
CA ASP B 183 -34.82 20.87 -25.01
C ASP B 183 -34.51 21.52 -23.68
N TYR B 184 -35.05 22.73 -23.47
CA TYR B 184 -34.76 23.53 -22.29
C TYR B 184 -35.15 22.83 -20.98
N LYS B 185 -36.17 21.97 -21.02
CA LYS B 185 -36.69 21.33 -19.81
C LYS B 185 -36.13 19.91 -19.60
N CYS B 186 -35.09 19.53 -20.37
CA CYS B 186 -34.38 18.27 -20.17
C CYS B 186 -35.34 17.09 -20.15
N GLU B 187 -36.22 17.04 -21.17
CA GLU B 187 -37.20 15.97 -21.33
C GLU B 187 -36.57 14.79 -22.07
N LEU B 188 -35.91 15.06 -23.20
CA LEU B 188 -35.24 13.98 -23.94
C LEU B 188 -33.80 13.83 -23.47
N PHE B 189 -33.12 14.95 -23.20
CA PHE B 189 -31.67 14.92 -23.04
C PHE B 189 -31.26 15.66 -21.78
N GLN B 190 -30.26 15.09 -21.09
CA GLN B 190 -29.62 15.78 -19.97
C GLN B 190 -28.11 15.85 -20.17
N ALA B 191 -27.62 17.08 -20.39
CA ALA B 191 -26.20 17.37 -20.24
C ALA B 191 -25.92 17.54 -18.75
N MET B 192 -25.25 16.57 -18.14
CA MET B 192 -25.16 16.47 -16.68
C MET B 192 -24.09 17.41 -16.09
N TYR B 193 -23.19 17.96 -16.92
CA TYR B 193 -22.06 18.70 -16.35
C TYR B 193 -22.51 19.94 -15.55
N ARG B 194 -22.04 19.99 -14.31
CA ARG B 194 -22.32 21.06 -13.35
C ARG B 194 -23.81 21.12 -12.95
N CYS B 195 -24.54 20.01 -13.14
CA CYS B 195 -25.95 19.98 -12.74
C CYS B 195 -26.16 18.99 -11.59
N ASN B 196 -25.07 18.64 -10.89
CA ASN B 196 -25.09 17.67 -9.80
C ASN B 196 -26.27 17.93 -8.85
N SER B 197 -26.48 19.18 -8.44
CA SER B 197 -27.48 19.42 -7.41
C SER B 197 -28.90 19.36 -7.99
N ASP B 198 -29.07 19.36 -9.33
CA ASP B 198 -30.38 19.24 -9.94
C ASP B 198 -30.84 17.76 -10.02
N LEU B 199 -29.90 16.81 -9.96
CA LEU B 199 -30.16 15.45 -10.41
C LEU B 199 -30.13 14.45 -9.25
N VAL B 200 -31.05 13.48 -9.27
N VAL B 200 -31.08 13.49 -9.23
CA VAL B 200 -31.03 12.39 -8.30
CA VAL B 200 -31.05 12.38 -8.27
C VAL B 200 -31.45 11.12 -9.03
C VAL B 200 -31.53 11.12 -8.98
N VAL B 201 -31.02 9.97 -8.51
CA VAL B 201 -31.47 8.68 -8.97
C VAL B 201 -32.75 8.34 -8.20
N HIS B 202 -33.80 8.00 -8.93
CA HIS B 202 -35.09 7.65 -8.31
C HIS B 202 -35.82 6.71 -9.27
N LYS B 203 -36.29 5.55 -8.77
CA LYS B 203 -37.06 4.59 -9.57
C LYS B 203 -36.36 4.31 -10.90
N ASN B 204 -35.06 3.99 -10.81
CA ASN B 204 -34.23 3.52 -11.92
C ASN B 204 -34.14 4.59 -13.01
N ARG B 205 -34.25 5.86 -12.65
CA ARG B 205 -34.21 6.97 -13.61
C ARG B 205 -33.41 8.11 -12.99
N ILE B 206 -32.95 9.05 -13.84
CA ILE B 206 -32.48 10.33 -13.32
C ILE B 206 -33.69 11.27 -13.24
N PHE B 207 -33.89 11.89 -12.08
CA PHE B 207 -34.90 12.91 -11.99
C PHE B 207 -34.22 14.29 -11.86
N ASN B 208 -34.64 15.23 -12.70
CA ASN B 208 -34.11 16.58 -12.64
C ASN B 208 -35.11 17.46 -11.87
N GLY B 209 -34.75 17.85 -10.67
CA GLY B 209 -35.66 18.61 -9.81
C GLY B 209 -35.74 20.07 -10.22
N TYR B 210 -34.74 20.54 -10.99
CA TYR B 210 -34.81 21.91 -11.51
C TYR B 210 -35.87 22.02 -12.60
N THR B 211 -35.88 21.06 -13.53
CA THR B 211 -36.78 21.13 -14.66
C THR B 211 -38.08 20.37 -14.39
N ASN B 212 -38.08 19.52 -13.33
CA ASN B 212 -39.18 18.59 -13.09
C ASN B 212 -39.37 17.65 -14.27
N SER B 213 -38.33 16.87 -14.59
CA SER B 213 -38.38 15.95 -15.71
C SER B 213 -37.58 14.70 -15.38
N TYR B 214 -37.74 13.67 -16.22
CA TYR B 214 -36.94 12.48 -16.13
C TYR B 214 -36.26 12.31 -17.49
N PRO B 215 -35.09 12.96 -17.72
CA PRO B 215 -34.46 12.90 -19.05
C PRO B 215 -34.26 11.47 -19.54
N VAL B 216 -34.48 11.25 -20.84
CA VAL B 216 -34.30 9.89 -21.36
C VAL B 216 -32.81 9.58 -21.49
N PHE B 217 -32.06 10.50 -22.13
CA PHE B 217 -30.65 10.21 -22.39
C PHE B 217 -29.77 10.97 -21.40
N ALA B 218 -29.02 10.19 -20.61
CA ALA B 218 -28.18 10.75 -19.56
C ALA B 218 -26.78 10.91 -20.14
N HIS B 219 -26.37 12.17 -20.35
CA HIS B 219 -25.11 12.47 -20.99
C HIS B 219 -24.14 13.04 -19.97
N GLY B 220 -23.14 12.24 -19.56
CA GLY B 220 -22.10 12.73 -18.64
C GLY B 220 -21.04 13.50 -19.41
N ASN B 221 -21.42 14.68 -19.94
CA ASN B 221 -20.59 15.43 -20.87
C ASN B 221 -19.37 16.00 -20.18
N GLY B 222 -18.23 15.97 -20.89
CA GLY B 222 -16.98 16.46 -20.33
C GLY B 222 -16.70 15.78 -18.99
N PRO B 223 -16.27 16.54 -17.95
CA PRO B 223 -15.97 15.94 -16.64
C PRO B 223 -17.13 15.19 -16.00
N ALA B 224 -18.37 15.40 -16.46
CA ALA B 224 -19.54 14.77 -15.80
C ALA B 224 -19.59 13.26 -16.09
N LYS B 225 -18.62 12.76 -16.86
CA LYS B 225 -18.46 11.33 -17.02
C LYS B 225 -18.32 10.68 -15.64
N LYS B 226 -17.73 11.40 -14.67
CA LYS B 226 -17.55 10.88 -13.32
C LYS B 226 -18.89 10.73 -12.59
N LEU B 227 -19.80 11.69 -12.82
CA LEU B 227 -21.12 11.66 -12.22
C LEU B 227 -21.96 10.51 -12.83
N LEU B 228 -21.89 10.35 -14.15
CA LEU B 228 -22.64 9.28 -14.77
C LEU B 228 -22.10 7.91 -14.29
N ASN B 229 -20.77 7.76 -14.27
CA ASN B 229 -20.14 6.54 -13.78
C ASN B 229 -20.56 6.25 -12.33
N HIS B 230 -20.63 7.30 -11.52
CA HIS B 230 -21.06 7.17 -10.13
C HIS B 230 -22.51 6.66 -10.02
N MET B 231 -23.42 7.20 -10.84
CA MET B 231 -24.82 6.79 -10.79
C MET B 231 -25.04 5.37 -11.36
N GLU B 232 -24.13 4.93 -12.24
CA GLU B 232 -24.34 3.70 -12.98
C GLU B 232 -24.58 2.52 -12.03
N GLY B 233 -23.84 2.49 -10.90
CA GLY B 233 -23.95 1.43 -9.93
C GLY B 233 -25.34 1.36 -9.27
N TYR B 234 -26.17 2.39 -9.46
CA TYR B 234 -27.52 2.43 -8.89
C TYR B 234 -28.60 2.02 -9.89
N PHE B 235 -28.24 1.96 -11.18
CA PHE B 235 -29.22 1.66 -12.24
C PHE B 235 -29.24 0.15 -12.50
N MET B 236 -30.31 -0.31 -13.16
CA MET B 236 -30.33 -1.69 -13.61
C MET B 236 -30.86 -1.76 -15.03
N THR B 237 -30.41 -2.77 -15.75
CA THR B 237 -30.91 -2.97 -17.11
C THR B 237 -32.00 -4.03 -17.08
N GLU B 238 -32.06 -4.83 -16.00
CA GLU B 238 -33.20 -5.70 -15.76
C GLU B 238 -33.38 -5.93 -14.26
N PRO B 239 -34.52 -6.48 -13.79
CA PRO B 239 -34.77 -6.62 -12.35
C PRO B 239 -33.64 -7.47 -11.81
N ILE B 240 -33.18 -7.20 -10.60
CA ILE B 240 -32.07 -7.99 -10.13
C ILE B 240 -32.55 -9.37 -9.70
N ASP B 241 -31.61 -10.32 -9.73
CA ASP B 241 -31.92 -11.65 -9.25
C ASP B 241 -31.50 -11.68 -7.78
N GLY B 242 -32.49 -11.63 -6.89
CA GLY B 242 -32.19 -11.50 -5.49
C GLY B 242 -31.60 -12.79 -4.90
N SER B 243 -31.69 -13.89 -5.66
CA SER B 243 -31.11 -15.15 -5.21
C SER B 243 -29.65 -15.31 -5.67
N SER B 244 -29.07 -14.28 -6.30
CA SER B 244 -27.74 -14.40 -6.91
C SER B 244 -26.70 -14.86 -5.89
N ASN B 245 -26.84 -14.42 -4.64
CA ASN B 245 -25.87 -14.72 -3.60
C ASN B 245 -26.42 -15.68 -2.55
N THR B 246 -27.63 -16.23 -2.77
CA THR B 246 -28.25 -17.09 -1.76
C THR B 246 -27.34 -18.26 -1.45
N ILE B 247 -26.80 -18.87 -2.52
CA ILE B 247 -25.66 -19.76 -2.45
C ILE B 247 -24.45 -18.94 -2.89
N ASN B 248 -23.48 -18.76 -2.00
CA ASN B 248 -22.36 -17.88 -2.33
C ASN B 248 -21.08 -18.68 -2.60
N THR B 249 -21.25 -19.92 -3.06
CA THR B 249 -20.17 -20.73 -3.61
C THR B 249 -20.39 -20.76 -5.12
N PHE B 250 -19.29 -20.65 -5.88
CA PHE B 250 -19.41 -20.53 -7.32
C PHE B 250 -18.45 -21.51 -7.97
N LYS B 251 -18.88 -22.07 -9.10
CA LYS B 251 -18.07 -23.00 -9.85
C LYS B 251 -18.52 -22.95 -11.31
N LEU B 252 -17.60 -22.61 -12.21
CA LEU B 252 -17.90 -22.54 -13.63
C LEU B 252 -18.07 -23.95 -14.19
N ASP B 253 -18.93 -24.10 -15.20
CA ASP B 253 -19.07 -25.33 -15.95
C ASP B 253 -17.78 -25.61 -16.72
N ASN B 254 -17.30 -24.57 -17.43
CA ASN B 254 -16.09 -24.62 -18.24
C ASN B 254 -15.17 -23.47 -17.86
N GLU B 255 -13.93 -23.81 -17.47
CA GLU B 255 -12.97 -22.84 -16.99
C GLU B 255 -12.17 -22.25 -18.14
N PRO B 256 -12.32 -20.94 -18.46
CA PRO B 256 -11.45 -20.29 -19.43
C PRO B 256 -10.06 -20.23 -18.82
N LYS B 257 -9.05 -20.05 -19.67
CA LYS B 257 -7.67 -20.05 -19.21
C LYS B 257 -7.35 -18.70 -18.58
N VAL B 258 -6.82 -18.73 -17.36
CA VAL B 258 -6.54 -17.51 -16.60
C VAL B 258 -5.03 -17.41 -16.36
N PHE B 259 -4.46 -16.26 -16.73
CA PHE B 259 -3.06 -15.96 -16.49
C PHE B 259 -2.95 -15.22 -15.17
N PHE B 260 -2.29 -15.85 -14.19
CA PHE B 260 -2.04 -15.25 -12.90
C PHE B 260 -0.73 -14.47 -12.98
N ALA B 261 -0.79 -13.15 -12.74
CA ALA B 261 0.39 -12.31 -12.71
C ALA B 261 0.61 -11.85 -11.29
N LEU B 262 1.60 -12.43 -10.62
CA LEU B 262 1.88 -12.15 -9.22
C LEU B 262 3.02 -11.14 -9.11
N TYR B 263 2.71 -10.00 -8.48
CA TYR B 263 3.67 -8.93 -8.25
C TYR B 263 4.21 -9.07 -6.84
N VAL B 264 5.46 -9.57 -6.73
CA VAL B 264 6.07 -9.98 -5.48
C VAL B 264 7.37 -9.23 -5.24
N ASP B 265 7.90 -9.38 -4.02
CA ASP B 265 9.17 -8.82 -3.61
C ASP B 265 9.81 -9.79 -2.63
N SER B 266 10.78 -10.58 -3.11
CA SER B 266 11.42 -11.58 -2.27
C SER B 266 12.29 -10.96 -1.17
N ASN B 267 12.56 -9.65 -1.25
CA ASN B 267 13.21 -8.97 -0.14
C ASN B 267 12.45 -9.21 1.16
N ASP B 268 11.11 -9.15 1.11
CA ASP B 268 10.29 -9.48 2.27
C ASP B 268 9.81 -10.93 2.15
N LEU B 269 10.67 -11.85 2.55
CA LEU B 269 10.50 -13.27 2.30
C LEU B 269 9.28 -13.79 3.06
N SER B 270 9.01 -13.17 4.20
CA SER B 270 7.92 -13.55 5.08
C SER B 270 6.57 -13.24 4.40
N ALA B 271 6.42 -11.99 3.95
CA ALA B 271 5.20 -11.57 3.26
C ALA B 271 5.01 -12.41 2.01
N LEU B 272 6.11 -12.67 1.28
CA LEU B 272 6.04 -13.45 0.04
C LEU B 272 5.46 -14.84 0.32
N LYS B 273 6.01 -15.51 1.33
CA LYS B 273 5.58 -16.87 1.66
C LYS B 273 4.09 -16.88 2.02
N GLN B 274 3.67 -15.92 2.87
CA GLN B 274 2.28 -15.89 3.29
C GLN B 274 1.38 -15.70 2.06
N PHE B 275 1.77 -14.77 1.17
CA PHE B 275 0.98 -14.43 0.00
C PHE B 275 0.84 -15.63 -0.93
N LEU B 276 1.97 -16.27 -1.25
CA LEU B 276 1.96 -17.40 -2.19
C LEU B 276 1.11 -18.54 -1.64
N GLY B 277 1.11 -18.71 -0.31
CA GLY B 277 0.28 -19.73 0.32
C GLY B 277 -1.20 -19.52 0.03
N LYS B 278 -1.65 -18.26 0.14
CA LYS B 278 -3.05 -17.94 -0.12
C LYS B 278 -3.37 -18.07 -1.61
N VAL B 279 -2.42 -17.63 -2.47
CA VAL B 279 -2.64 -17.68 -3.91
C VAL B 279 -2.78 -19.14 -4.35
N ALA B 280 -1.91 -20.01 -3.79
CA ALA B 280 -1.94 -21.42 -4.09
C ALA B 280 -3.28 -22.06 -3.71
N SER B 281 -4.00 -21.47 -2.74
CA SER B 281 -5.28 -22.04 -2.32
C SER B 281 -6.48 -21.57 -3.15
N ILE B 282 -6.30 -20.60 -4.05
CA ILE B 282 -7.37 -20.21 -4.96
C ILE B 282 -7.66 -21.40 -5.88
N GLN B 283 -8.92 -21.80 -5.96
CA GLN B 283 -9.27 -23.04 -6.65
C GLN B 283 -9.54 -22.75 -8.13
N TYR B 284 -8.66 -23.23 -9.01
CA TYR B 284 -8.89 -23.03 -10.44
C TYR B 284 -7.98 -23.99 -11.21
N GLY B 285 -8.55 -24.69 -12.19
CA GLY B 285 -7.85 -25.74 -12.90
C GLY B 285 -7.01 -25.21 -14.06
N ASN B 286 -7.59 -24.26 -14.81
CA ASN B 286 -7.06 -23.88 -16.11
C ASN B 286 -6.27 -22.58 -15.98
N LYS B 287 -5.02 -22.68 -15.53
CA LYS B 287 -4.28 -21.45 -15.29
C LYS B 287 -2.80 -21.60 -15.69
N VAL B 288 -2.15 -20.44 -15.84
CA VAL B 288 -0.71 -20.33 -15.93
C VAL B 288 -0.31 -19.24 -14.96
N ILE B 289 0.80 -19.45 -14.22
CA ILE B 289 1.21 -18.52 -13.18
C ILE B 289 2.60 -17.97 -13.50
N TYR B 290 2.72 -16.63 -13.45
CA TYR B 290 3.99 -15.94 -13.62
C TYR B 290 4.26 -15.11 -12.37
N LEU B 291 5.51 -15.15 -11.90
CA LEU B 291 5.94 -14.30 -10.80
C LEU B 291 6.82 -13.17 -11.32
N TYR B 292 6.48 -11.94 -10.94
CA TYR B 292 7.23 -10.76 -11.28
C TYR B 292 7.77 -10.18 -9.99
N ASP B 293 9.05 -10.46 -9.72
CA ASP B 293 9.68 -10.07 -8.48
C ASP B 293 10.36 -8.72 -8.64
N ARG B 294 10.15 -7.82 -7.68
CA ARG B 294 10.83 -6.54 -7.66
C ARG B 294 12.34 -6.74 -7.48
N SER B 295 12.73 -7.76 -6.70
CA SER B 295 14.11 -7.93 -6.30
C SER B 295 14.91 -8.65 -7.38
N ASP B 296 16.24 -8.44 -7.35
CA ASP B 296 17.17 -8.91 -8.36
C ASP B 296 17.91 -10.16 -7.90
N ASN B 297 17.46 -10.78 -6.81
CA ASN B 297 18.24 -11.77 -6.09
C ASN B 297 18.06 -13.17 -6.68
N GLU B 298 19.18 -13.70 -7.16
CA GLU B 298 19.23 -14.96 -7.88
C GLU B 298 19.07 -16.15 -6.92
N GLN B 299 19.55 -16.02 -5.68
CA GLN B 299 19.45 -17.11 -4.72
C GLN B 299 17.98 -17.37 -4.38
N ASN B 300 17.23 -16.27 -4.28
CA ASN B 300 15.79 -16.30 -4.04
C ASN B 300 15.09 -17.02 -5.19
N ARG B 301 15.37 -16.59 -6.44
CA ARG B 301 14.78 -17.13 -7.64
C ARG B 301 14.95 -18.65 -7.70
N LYS B 302 16.19 -19.12 -7.50
CA LYS B 302 16.54 -20.53 -7.43
C LYS B 302 15.59 -21.28 -6.49
N LEU B 303 15.41 -20.74 -5.27
CA LEU B 303 14.55 -21.35 -4.27
C LEU B 303 13.10 -21.45 -4.80
N ILE B 304 12.54 -20.30 -5.19
CA ILE B 304 11.10 -20.20 -5.44
C ILE B 304 10.77 -20.88 -6.76
N GLN B 305 11.72 -20.83 -7.72
CA GLN B 305 11.52 -21.36 -9.07
C GLN B 305 11.20 -22.85 -9.07
N ILE B 306 11.57 -23.53 -7.97
CA ILE B 306 11.24 -24.94 -7.80
C ILE B 306 9.73 -25.10 -7.91
N SER B 307 8.97 -24.18 -7.28
CA SER B 307 7.51 -24.23 -7.27
C SER B 307 6.91 -23.37 -8.38
N TYR B 308 7.59 -22.27 -8.74
CA TYR B 308 7.08 -21.34 -9.71
C TYR B 308 8.14 -21.14 -10.81
N PRO B 309 8.12 -21.99 -11.86
CA PRO B 309 9.13 -21.93 -12.92
C PRO B 309 9.11 -20.65 -13.77
N ASN B 310 7.95 -19.99 -13.87
CA ASN B 310 7.87 -18.76 -14.64
C ASN B 310 8.19 -17.57 -13.73
N TYR B 311 9.48 -17.22 -13.66
CA TYR B 311 9.91 -16.27 -12.63
C TYR B 311 10.79 -15.22 -13.29
N HIS B 312 10.44 -13.93 -13.07
CA HIS B 312 11.21 -12.82 -13.61
C HIS B 312 11.64 -11.94 -12.45
N THR B 313 12.84 -11.37 -12.58
CA THR B 313 13.41 -10.59 -11.49
C THR B 313 13.59 -9.16 -11.98
N GLY B 314 13.74 -8.23 -11.02
CA GLY B 314 13.98 -6.83 -11.31
C GLY B 314 12.80 -6.12 -11.98
N VAL B 315 11.57 -6.57 -11.70
CA VAL B 315 10.40 -6.03 -12.37
C VAL B 315 9.80 -4.90 -11.52
N THR B 316 9.64 -3.72 -12.10
CA THR B 316 9.12 -2.59 -11.33
C THR B 316 7.89 -1.97 -12.00
N LYS B 317 7.42 -2.59 -13.10
CA LYS B 317 6.23 -2.15 -13.81
C LYS B 317 5.35 -3.37 -14.06
N TYR B 318 4.07 -3.15 -14.37
CA TYR B 318 3.20 -4.27 -14.69
C TYR B 318 3.57 -4.75 -16.09
N VAL B 319 3.57 -6.07 -16.30
CA VAL B 319 4.05 -6.69 -17.53
C VAL B 319 2.88 -7.38 -18.23
N PHE B 320 2.65 -7.08 -19.50
CA PHE B 320 1.59 -7.72 -20.26
C PHE B 320 2.13 -8.59 -21.39
N ASP B 321 3.46 -8.55 -21.63
CA ASP B 321 4.08 -9.24 -22.76
C ASP B 321 3.90 -10.75 -22.67
N ASP B 322 4.12 -11.33 -21.48
CA ASP B 322 3.99 -12.78 -21.36
C ASP B 322 2.54 -13.18 -21.59
N PHE B 323 1.61 -12.40 -21.01
CA PHE B 323 0.20 -12.70 -21.21
C PHE B 323 -0.13 -12.67 -22.70
N LYS B 324 0.35 -11.64 -23.41
CA LYS B 324 0.03 -11.48 -24.82
C LYS B 324 0.55 -12.66 -25.65
N LYS B 325 1.71 -13.21 -25.27
CA LYS B 325 2.25 -14.39 -25.93
C LYS B 325 1.46 -15.65 -25.55
N SER B 326 0.70 -15.62 -24.45
CA SER B 326 -0.05 -16.81 -24.01
C SER B 326 -1.38 -16.88 -24.76
N ASP B 327 -2.11 -17.99 -24.56
CA ASP B 327 -3.45 -18.13 -25.12
C ASP B 327 -4.50 -17.90 -24.03
N ALA B 328 -4.11 -17.25 -22.92
CA ALA B 328 -5.03 -17.05 -21.80
C ALA B 328 -6.14 -16.08 -22.19
N GLN B 329 -7.34 -16.26 -21.60
CA GLN B 329 -8.45 -15.37 -21.90
C GLN B 329 -8.63 -14.28 -20.82
N PHE B 330 -8.02 -14.46 -19.66
CA PHE B 330 -8.09 -13.48 -18.58
C PHE B 330 -6.70 -13.23 -18.01
N TYR B 331 -6.45 -11.97 -17.62
CA TYR B 331 -5.29 -11.57 -16.83
C TYR B 331 -5.74 -11.25 -15.41
N PHE B 332 -5.15 -11.95 -14.42
CA PHE B 332 -5.51 -11.80 -13.02
C PHE B 332 -4.26 -11.29 -12.31
N LEU B 333 -4.28 -9.98 -12.04
CA LEU B 333 -3.19 -9.27 -11.37
C LEU B 333 -3.37 -9.40 -9.86
N LEU B 334 -2.33 -9.91 -9.17
CA LEU B 334 -2.33 -10.00 -7.71
C LEU B 334 -1.04 -9.37 -7.16
N GLU B 335 -1.21 -8.42 -6.23
CA GLU B 335 -0.14 -7.79 -5.48
C GLU B 335 0.07 -8.51 -4.15
N GLN B 336 1.35 -8.63 -3.74
CA GLN B 336 1.82 -9.35 -2.56
C GLN B 336 1.07 -8.96 -1.28
N ASN B 337 0.68 -7.70 -1.13
CA ASN B 337 0.06 -7.27 0.12
C ASN B 337 -1.46 -7.54 0.12
N CYS B 338 -1.97 -8.25 -0.90
CA CYS B 338 -3.38 -8.59 -0.97
C CYS B 338 -3.59 -10.08 -0.69
N ILE B 339 -4.27 -10.36 0.42
CA ILE B 339 -4.46 -11.74 0.88
C ILE B 339 -5.88 -12.18 0.55
N ILE B 340 -5.99 -13.13 -0.37
CA ILE B 340 -7.30 -13.62 -0.77
C ILE B 340 -7.64 -14.82 0.10
N THR B 341 -8.85 -14.82 0.66
CA THR B 341 -9.31 -15.90 1.53
C THR B 341 -10.49 -16.64 0.92
N LYS B 342 -11.11 -16.09 -0.14
CA LYS B 342 -12.28 -16.73 -0.73
C LYS B 342 -11.81 -17.63 -1.87
N LYS B 343 -11.84 -18.97 -1.65
CA LYS B 343 -11.15 -19.90 -2.53
C LYS B 343 -11.74 -19.97 -3.94
N ASP B 344 -13.04 -19.74 -4.05
CA ASP B 344 -13.70 -19.85 -5.34
C ASP B 344 -13.79 -18.48 -6.06
N ILE B 345 -13.01 -17.50 -5.62
CA ILE B 345 -13.16 -16.12 -6.09
C ILE B 345 -13.11 -16.00 -7.63
N LEU B 346 -12.28 -16.81 -8.29
CA LEU B 346 -12.09 -16.63 -9.72
C LEU B 346 -13.35 -17.05 -10.48
N HIS B 347 -14.02 -18.12 -10.02
CA HIS B 347 -15.31 -18.51 -10.59
C HIS B 347 -16.32 -17.38 -10.38
N GLU B 348 -16.39 -16.84 -9.17
CA GLU B 348 -17.29 -15.74 -8.86
C GLU B 348 -17.05 -14.53 -9.79
N LEU B 349 -15.79 -14.08 -9.93
CA LEU B 349 -15.47 -12.90 -10.75
C LEU B 349 -15.74 -13.18 -12.23
N ILE B 350 -15.30 -14.33 -12.74
CA ILE B 350 -15.49 -14.60 -14.17
C ILE B 350 -16.98 -14.56 -14.54
N MET B 351 -17.87 -15.04 -13.64
CA MET B 351 -19.29 -15.01 -13.93
C MET B 351 -19.82 -13.58 -14.08
N GLN B 352 -19.07 -12.57 -13.65
CA GLN B 352 -19.53 -11.18 -13.78
C GLN B 352 -18.99 -10.53 -15.05
N VAL B 353 -18.09 -11.22 -15.75
CA VAL B 353 -17.46 -10.63 -16.93
C VAL B 353 -18.40 -10.78 -18.13
N LYS B 354 -18.98 -9.66 -18.57
CA LYS B 354 -19.83 -9.63 -19.74
C LYS B 354 -20.13 -8.18 -20.11
N ASP B 355 -20.35 -7.97 -21.41
CA ASP B 355 -20.71 -6.65 -21.93
C ASP B 355 -19.62 -5.66 -21.54
N ASN B 356 -20.01 -4.56 -20.89
CA ASN B 356 -19.08 -3.50 -20.51
C ASN B 356 -18.34 -3.83 -19.20
N HIS B 357 -18.64 -4.98 -18.58
CA HIS B 357 -17.94 -5.35 -17.36
C HIS B 357 -16.76 -6.26 -17.69
N ARG B 358 -15.56 -5.65 -17.86
CA ARG B 358 -14.42 -6.39 -18.38
C ARG B 358 -13.21 -6.29 -17.45
N VAL B 359 -13.26 -5.35 -16.49
CA VAL B 359 -12.18 -5.16 -15.52
C VAL B 359 -12.86 -5.10 -14.16
N ILE B 360 -12.60 -6.12 -13.33
CA ILE B 360 -13.34 -6.30 -12.08
C ILE B 360 -12.36 -6.55 -10.93
N SER B 361 -12.60 -5.88 -9.81
CA SER B 361 -11.66 -5.90 -8.69
C SER B 361 -12.46 -6.16 -7.41
N PRO B 362 -12.21 -7.26 -6.70
CA PRO B 362 -12.91 -7.54 -5.44
C PRO B 362 -12.44 -6.59 -4.34
N MET B 363 -13.40 -6.01 -3.60
CA MET B 363 -13.08 -5.03 -2.58
C MET B 363 -12.55 -5.77 -1.35
N ILE B 364 -11.35 -5.38 -0.89
CA ILE B 364 -10.76 -5.87 0.36
C ILE B 364 -10.23 -4.68 1.14
N GLY B 365 -10.22 -4.82 2.47
CA GLY B 365 -9.75 -3.75 3.33
C GLY B 365 -8.61 -4.20 4.23
N TYR B 366 -7.95 -3.27 4.93
CA TYR B 366 -6.97 -3.70 5.92
C TYR B 366 -7.68 -4.40 7.06
N GLU B 367 -7.12 -5.54 7.50
CA GLU B 367 -7.71 -6.27 8.61
C GLU B 367 -7.85 -5.33 9.81
N GLN B 368 -6.86 -4.45 9.99
CA GLN B 368 -6.82 -3.52 11.12
C GLN B 368 -7.77 -2.32 10.90
N ASN B 369 -7.99 -1.91 9.64
CA ASN B 369 -8.93 -0.84 9.34
C ASN B 369 -9.58 -1.03 7.97
N SER B 370 -10.83 -1.50 7.98
CA SER B 370 -11.53 -1.94 6.79
C SER B 370 -12.04 -0.78 5.93
N THR B 371 -11.99 0.47 6.41
CA THR B 371 -12.39 1.60 5.57
C THR B 371 -11.23 2.08 4.68
N ARG B 372 -10.02 1.56 4.93
CA ARG B 372 -8.97 1.64 3.92
C ARG B 372 -9.10 0.41 3.02
N THR B 373 -9.43 0.62 1.74
CA THR B 373 -9.70 -0.49 0.84
C THR B 373 -8.77 -0.39 -0.38
N ASN B 374 -8.94 -1.34 -1.31
CA ASN B 374 -8.16 -1.33 -2.54
C ASN B 374 -8.90 -0.60 -3.69
N PHE B 375 -9.80 0.34 -3.39
CA PHE B 375 -10.37 1.13 -4.49
C PHE B 375 -10.54 2.57 -4.01
N TRP B 376 -10.61 3.52 -4.96
CA TRP B 376 -10.98 4.88 -4.61
C TRP B 376 -12.30 5.20 -5.31
N GLY B 377 -13.21 5.88 -4.62
CA GLY B 377 -14.47 6.22 -5.24
C GLY B 377 -14.36 7.54 -6.02
N ASP B 378 -13.35 8.35 -5.72
CA ASP B 378 -13.12 9.59 -6.43
C ASP B 378 -11.62 9.87 -6.42
N ILE B 379 -11.20 10.81 -7.26
CA ILE B 379 -9.80 11.14 -7.41
C ILE B 379 -9.72 12.64 -7.68
N GLU B 380 -8.75 13.31 -7.05
CA GLU B 380 -8.57 14.72 -7.32
C GLU B 380 -7.07 15.01 -7.39
N ASP B 381 -6.64 15.53 -8.54
CA ASP B 381 -5.23 15.78 -8.86
C ASP B 381 -4.34 14.66 -8.33
N GLY B 382 -4.74 13.41 -8.61
CA GLY B 382 -3.97 12.20 -8.36
C GLY B 382 -3.91 11.79 -6.89
N TYR B 383 -4.74 12.40 -6.04
CA TYR B 383 -4.95 11.91 -4.70
C TYR B 383 -6.35 11.33 -4.58
N TYR B 384 -6.47 10.48 -3.56
CA TYR B 384 -7.73 9.92 -3.15
C TYR B 384 -8.69 11.05 -2.79
N LYS B 385 -9.94 10.91 -3.23
CA LYS B 385 -10.98 11.77 -2.69
C LYS B 385 -12.14 10.89 -2.22
N ARG B 386 -12.76 11.22 -1.09
CA ARG B 386 -13.88 10.45 -0.58
C ARG B 386 -15.11 10.72 -1.44
N SER B 387 -15.67 9.67 -2.06
CA SER B 387 -16.89 9.86 -2.81
C SER B 387 -18.09 9.84 -1.87
N GLU B 388 -19.25 10.19 -2.44
CA GLU B 388 -20.49 10.31 -1.68
C GLU B 388 -20.91 8.95 -1.09
N ASN B 389 -20.63 7.83 -1.78
CA ASN B 389 -21.04 6.52 -1.31
C ASN B 389 -19.87 5.65 -0.83
N TYR B 390 -18.65 6.22 -0.72
CA TYR B 390 -17.47 5.41 -0.44
C TYR B 390 -17.67 4.60 0.85
N LEU B 391 -18.12 5.25 1.93
CA LEU B 391 -18.20 4.59 3.22
C LEU B 391 -19.29 3.53 3.22
N ASP B 392 -20.40 3.82 2.52
CA ASP B 392 -21.44 2.81 2.31
C ASP B 392 -20.87 1.56 1.66
N LEU B 393 -20.06 1.74 0.60
CA LEU B 393 -19.52 0.60 -0.13
C LEU B 393 -18.54 -0.18 0.75
N ALA B 394 -17.64 0.56 1.43
CA ALA B 394 -16.59 -0.04 2.26
C ALA B 394 -17.17 -0.84 3.41
N LYS B 395 -18.33 -0.43 3.92
CA LYS B 395 -18.99 -1.13 5.02
C LYS B 395 -20.08 -2.08 4.52
N HIS B 396 -20.19 -2.27 3.19
CA HIS B 396 -21.16 -3.21 2.61
C HIS B 396 -22.61 -2.86 2.99
N LYS B 397 -22.92 -1.58 3.14
CA LYS B 397 -24.31 -1.15 3.30
C LYS B 397 -25.09 -1.44 2.03
N VAL B 398 -24.41 -1.36 0.87
CA VAL B 398 -24.98 -1.81 -0.41
CA VAL B 398 -24.97 -1.81 -0.39
C VAL B 398 -23.90 -2.60 -1.14
N ARG B 399 -24.33 -3.54 -1.98
CA ARG B 399 -23.40 -4.44 -2.64
C ARG B 399 -23.74 -4.51 -4.12
N GLY B 400 -22.71 -4.77 -4.92
CA GLY B 400 -22.84 -5.04 -6.35
C GLY B 400 -21.55 -4.67 -7.07
N LEU B 401 -21.71 -4.18 -8.31
N LEU B 401 -21.70 -4.18 -8.32
CA LEU B 401 -20.63 -3.71 -9.18
CA LEU B 401 -20.62 -3.71 -9.17
C LEU B 401 -20.69 -2.18 -9.25
C LEU B 401 -20.70 -2.19 -9.27
N TRP B 402 -19.54 -1.54 -9.10
CA TRP B 402 -19.44 -0.10 -8.98
C TRP B 402 -18.34 0.44 -9.89
N ASN B 403 -18.70 1.40 -10.75
CA ASN B 403 -17.77 2.01 -11.71
C ASN B 403 -16.92 3.05 -10.97
N VAL B 404 -15.60 2.79 -10.83
CA VAL B 404 -14.77 3.63 -9.96
C VAL B 404 -13.50 4.03 -10.71
N PRO B 405 -12.83 5.14 -10.33
CA PRO B 405 -11.64 5.61 -11.05
C PRO B 405 -10.33 4.88 -10.76
N TYR B 406 -10.30 4.05 -9.72
CA TYR B 406 -9.06 3.43 -9.31
C TYR B 406 -9.39 2.15 -8.54
N VAL B 407 -8.72 1.05 -8.93
CA VAL B 407 -8.73 -0.20 -8.18
C VAL B 407 -7.28 -0.67 -8.09
N TYR B 408 -6.99 -1.50 -7.08
CA TYR B 408 -5.61 -1.88 -6.82
C TYR B 408 -5.57 -3.36 -6.43
N GLY B 409 -4.54 -4.08 -6.90
CA GLY B 409 -3.96 -5.17 -6.14
C GLY B 409 -4.58 -6.53 -6.43
N VAL B 410 -5.91 -6.58 -6.68
CA VAL B 410 -6.57 -7.79 -7.15
C VAL B 410 -7.47 -7.36 -8.31
N ILE B 411 -7.10 -7.71 -9.54
CA ILE B 411 -7.82 -7.17 -10.70
C ILE B 411 -7.93 -8.26 -11.75
N LEU B 412 -9.16 -8.59 -12.13
CA LEU B 412 -9.37 -9.50 -13.26
C LEU B 412 -9.68 -8.69 -14.51
N MET B 413 -8.99 -8.99 -15.63
CA MET B 413 -9.19 -8.25 -16.85
C MET B 413 -9.35 -9.21 -18.02
N HIS B 414 -10.40 -9.00 -18.81
CA HIS B 414 -10.67 -9.82 -19.97
C HIS B 414 -9.61 -9.54 -21.03
N GLU B 415 -9.29 -10.55 -21.87
CA GLU B 415 -8.25 -10.39 -22.89
C GLU B 415 -8.55 -9.25 -23.87
N SER B 416 -9.84 -8.99 -24.15
CA SER B 416 -10.18 -7.93 -25.08
C SER B 416 -9.69 -6.56 -24.62
N VAL B 417 -9.51 -6.38 -23.30
CA VAL B 417 -8.88 -5.15 -22.79
C VAL B 417 -7.36 -5.24 -22.97
N VAL B 418 -6.75 -6.32 -22.45
CA VAL B 418 -5.31 -6.37 -22.33
C VAL B 418 -4.68 -6.48 -23.73
N ARG B 419 -5.32 -7.22 -24.64
CA ARG B 419 -4.72 -7.47 -25.94
C ARG B 419 -4.84 -6.26 -26.88
N ASN B 420 -5.78 -5.34 -26.60
CA ASN B 420 -6.17 -4.37 -27.63
C ASN B 420 -5.83 -2.93 -27.26
N TRP B 421 -5.37 -2.68 -26.03
CA TRP B 421 -5.24 -1.31 -25.57
C TRP B 421 -3.89 -1.11 -24.88
N ASP B 422 -3.37 0.11 -24.95
CA ASP B 422 -2.08 0.40 -24.33
C ASP B 422 -2.28 0.68 -22.84
N LEU B 423 -1.80 -0.25 -22.00
CA LEU B 423 -2.02 -0.17 -20.56
C LEU B 423 -0.77 0.35 -19.87
N SER B 424 0.21 0.82 -20.66
CA SER B 424 1.50 1.19 -20.12
C SER B 424 1.77 2.70 -20.20
N MET B 425 0.69 3.50 -20.25
CA MET B 425 0.83 4.94 -20.33
C MET B 425 1.24 5.47 -18.95
N VAL B 426 1.94 6.61 -18.95
CA VAL B 426 2.56 7.08 -17.72
C VAL B 426 2.09 8.49 -17.42
N LYS B 427 1.69 8.73 -16.17
CA LYS B 427 1.38 10.06 -15.68
C LYS B 427 1.98 10.23 -14.28
N TYR B 428 1.95 9.18 -13.46
CA TYR B 428 2.26 9.30 -12.04
C TYR B 428 3.57 8.62 -11.70
N ASN B 429 4.12 7.83 -12.63
CA ASN B 429 5.32 7.04 -12.39
C ASN B 429 5.08 6.08 -11.23
N ASP B 430 3.91 5.46 -11.21
CA ASP B 430 3.54 4.53 -10.16
C ASP B 430 2.69 3.48 -10.85
N LYS B 431 3.06 2.20 -10.70
CA LYS B 431 2.52 1.20 -11.60
C LYS B 431 1.00 1.10 -11.44
N ASP B 432 0.49 1.09 -10.22
CA ASP B 432 -0.94 0.89 -10.02
C ASP B 432 -1.71 2.14 -10.42
N MET B 433 -1.21 3.33 -10.10
CA MET B 433 -1.88 4.56 -10.50
CA MET B 433 -1.86 4.58 -10.49
C MET B 433 -1.91 4.71 -12.02
N ASP B 434 -0.83 4.25 -12.67
CA ASP B 434 -0.70 4.46 -14.11
C ASP B 434 -1.58 3.47 -14.89
N LEU B 435 -1.74 2.26 -14.33
CA LEU B 435 -2.63 1.30 -14.96
C LEU B 435 -4.04 1.91 -14.98
N CYS B 436 -4.47 2.48 -13.85
CA CYS B 436 -5.83 3.01 -13.77
C CYS B 436 -5.96 4.23 -14.66
N PHE B 437 -4.91 5.05 -14.71
CA PHE B 437 -4.88 6.21 -15.60
C PHE B 437 -5.08 5.77 -17.05
N SER B 438 -4.41 4.69 -17.46
CA SER B 438 -4.47 4.17 -18.82
C SER B 438 -5.90 3.74 -19.16
N LEU B 439 -6.51 3.01 -18.22
CA LEU B 439 -7.87 2.54 -18.43
C LEU B 439 -8.80 3.74 -18.57
N ARG B 440 -8.72 4.70 -17.64
CA ARG B 440 -9.53 5.90 -17.66
C ARG B 440 -9.42 6.59 -19.04
N LYS B 441 -8.18 6.75 -19.53
CA LYS B 441 -7.95 7.44 -20.79
C LYS B 441 -8.64 6.72 -21.96
N HIS B 442 -8.75 5.38 -21.90
CA HIS B 442 -9.31 4.64 -23.03
C HIS B 442 -10.81 4.44 -22.90
N THR B 443 -11.42 4.99 -21.83
CA THR B 443 -12.83 4.72 -21.52
C THR B 443 -13.02 3.20 -21.38
N ILE B 444 -12.08 2.54 -20.70
CA ILE B 444 -12.29 1.21 -20.15
C ILE B 444 -12.60 1.38 -18.68
N PHE B 445 -13.72 0.80 -18.24
CA PHE B 445 -14.20 1.05 -16.89
C PHE B 445 -13.56 0.07 -15.92
N MET B 446 -13.37 0.50 -14.67
CA MET B 446 -12.97 -0.39 -13.62
C MET B 446 -14.19 -0.61 -12.72
N TYR B 447 -14.53 -1.88 -12.47
CA TYR B 447 -15.64 -2.18 -11.59
C TYR B 447 -15.12 -2.80 -10.30
N MET B 448 -15.36 -2.11 -9.18
CA MET B 448 -15.19 -2.73 -7.88
C MET B 448 -16.42 -3.64 -7.65
N ILE B 449 -16.19 -4.83 -7.07
CA ILE B 449 -17.29 -5.69 -6.64
C ILE B 449 -17.18 -5.99 -5.14
N ASN B 450 -18.30 -5.87 -4.41
CA ASN B 450 -18.26 -6.08 -2.96
C ASN B 450 -19.35 -7.05 -2.53
N ASN B 451 -19.60 -8.10 -3.32
CA ASN B 451 -20.72 -9.00 -3.07
C ASN B 451 -20.44 -10.00 -1.93
N ASN B 452 -19.16 -10.22 -1.62
CA ASN B 452 -18.80 -11.22 -0.62
C ASN B 452 -17.58 -10.74 0.17
N ASN B 453 -17.18 -11.54 1.16
CA ASN B 453 -15.94 -11.35 1.89
C ASN B 453 -14.83 -12.08 1.11
N TYR B 454 -13.91 -11.30 0.55
CA TYR B 454 -12.94 -11.83 -0.41
C TYR B 454 -11.56 -12.04 0.23
N GLY B 455 -11.23 -11.23 1.23
CA GLY B 455 -9.88 -11.24 1.76
C GLY B 455 -9.58 -9.93 2.49
N TYR B 456 -8.30 -9.58 2.58
CA TYR B 456 -7.90 -8.34 3.26
C TYR B 456 -6.52 -7.95 2.77
N MET B 457 -6.10 -6.72 3.10
CA MET B 457 -4.75 -6.29 2.77
C MET B 457 -3.91 -6.25 4.05
N VAL B 458 -2.60 -6.41 3.87
CA VAL B 458 -1.66 -6.35 4.98
C VAL B 458 -0.64 -5.25 4.69
MN MN C . 19.89 -12.65 23.99
MN MN D . -20.17 13.15 -24.65
#